data_2W7P
#
_entry.id   2W7P
#
_cell.length_a   167.829
_cell.length_b   220.847
_cell.length_c   119.208
_cell.angle_alpha   90.00
_cell.angle_beta   90.00
_cell.angle_gamma   90.00
#
_symmetry.space_group_name_H-M   'C 2 2 21'
#
loop_
_entity.id
_entity.type
_entity.pdbx_description
1 polymer 'DNA POLYMERASE KAPPA'
2 polymer "5'-D(*GP*GP*GP*GP*GP*AP*AP*GP*GP*AP*TP*TP*C)-3'"
3 polymer "5'-D(TP*CP*AP*CP*8OGP*GP*AP*AP*TP*CP*CP*TP* TP*CP*CP*CP*CP*C)-3'"
4 non-polymer "2'-DEOXYADENOSINE 5'-TRIPHOSPHATE"
5 non-polymer 'CALCIUM ION'
6 water water
#
loop_
_entity_poly.entity_id
_entity_poly.type
_entity_poly.pdbx_seq_one_letter_code
_entity_poly.pdbx_strand_id
1 'polypeptide(L)'
;MGLNDNKAGMEGLDKEKINKIIMEATKGSRFYGNELKKEKQVNQRIENMMQQKAQITSQQLRKAQLQVDRFAMELEQSRN
LSNTIVHIDMDAFYAAVEMRDNPELKDKPIAVGSMSMLSTSNYHARRFGVRAAMPGFIAKRLCPQLIIVPPNFDKYRAVS
KEVKEILADYDPNFMAMSLDEAYLNITKHLEERQNWPEDKRRYFIKMGSSVENDNPGKEVNKLSEHERSISPLLFEESPS
DVQPPGDPFQVNFEEQNNPQILQNSVVFGTSAQEVVKEIRFRIEQKTTLTASAGIAPNTMLAKVCSDKNKPNGQYQILPN
RQAVMDFIKDLPIRKVSGIGKVTEKMLKALGIITCTELYQQRALLSLLFSETSWHYFLHISLGLGSTHLTRDGERKSMSV
ERTFSEINKAEEQYSLCQELCSELAQDLQKERLKGRTVTIKLKNVNFEVKTRASTVSSVVSTAEEIFAIAKELLKTEIDA
DFPHPLRLRLMGVRISSFPNEEDRKHQQ
;
A,B
2 'polydeoxyribonucleotide' (DG)(DG)(DG)(DG)(DG)(DA)(DA)(DG)(DG)(DA)(DT)(DT)(DC) E,P
3 'polydeoxyribonucleotide' (DT)(DC)(DA)(DC)(8OG)(DG)(DA)(DA)(DT)(DC)(DC)(DT)(DT)(DC)(DC)(DC)(DC)(DC) F,T
#
# COMPACT_ATOMS: atom_id res chain seq x y z
N LYS A 15 20.82 -9.75 -22.98
CA LYS A 15 20.23 -10.64 -24.01
C LYS A 15 18.74 -10.44 -24.16
N GLU A 16 18.19 -9.41 -23.54
CA GLU A 16 16.75 -9.14 -23.61
C GLU A 16 16.21 -8.92 -25.04
N LYS A 17 17.10 -8.81 -26.03
CA LYS A 17 16.72 -8.61 -27.43
C LYS A 17 16.38 -9.97 -28.04
N ILE A 18 15.70 -10.80 -27.25
CA ILE A 18 15.27 -12.12 -27.71
C ILE A 18 14.06 -11.87 -28.56
N ASN A 19 13.23 -10.96 -28.07
CA ASN A 19 12.00 -10.56 -28.74
C ASN A 19 12.27 -10.17 -30.18
N LYS A 20 13.51 -9.76 -30.49
CA LYS A 20 13.85 -9.39 -31.85
C LYS A 20 14.01 -10.63 -32.73
N ILE A 21 13.85 -11.81 -32.13
CA ILE A 21 13.94 -13.06 -32.88
C ILE A 21 12.56 -13.71 -32.78
N ILE A 22 11.92 -13.53 -31.61
CA ILE A 22 10.59 -14.05 -31.33
C ILE A 22 9.55 -13.40 -32.23
N MET A 23 9.55 -12.07 -32.23
CA MET A 23 8.62 -11.29 -33.04
C MET A 23 9.00 -11.42 -34.52
N GLU A 24 10.30 -11.37 -34.75
CA GLU A 24 10.90 -11.46 -36.07
C GLU A 24 10.53 -12.76 -36.78
N ALA A 25 10.09 -13.76 -36.02
CA ALA A 25 9.73 -15.05 -36.61
C ALA A 25 8.28 -15.45 -36.29
N THR A 26 7.40 -14.46 -36.26
CA THR A 26 6.00 -14.70 -35.96
C THR A 26 5.10 -13.79 -36.79
N LYS A 27 5.55 -12.57 -37.03
CA LYS A 27 4.84 -11.54 -37.78
C LYS A 27 3.73 -11.95 -38.78
N GLY A 28 4.11 -12.50 -39.92
CA GLY A 28 3.11 -12.90 -40.91
C GLY A 28 2.25 -14.06 -40.45
N SER A 29 2.91 -15.08 -39.90
CA SER A 29 2.28 -16.29 -39.40
C SER A 29 0.78 -16.31 -39.33
N ARG A 30 0.20 -17.38 -39.86
CA ARG A 30 -1.24 -17.54 -39.85
C ARG A 30 -1.70 -17.35 -38.43
N PHE A 31 -0.90 -17.88 -37.52
CA PHE A 31 -1.18 -17.80 -36.10
C PHE A 31 -1.21 -16.38 -35.56
N TYR A 32 -0.12 -15.65 -35.77
CA TYR A 32 -0.03 -14.28 -35.29
C TYR A 32 -1.24 -13.47 -35.72
N GLY A 33 -1.54 -13.55 -37.01
CA GLY A 33 -2.67 -12.83 -37.55
C GLY A 33 -3.92 -12.99 -36.70
N ASN A 34 -4.22 -14.21 -36.30
CA ASN A 34 -5.40 -14.46 -35.49
C ASN A 34 -5.29 -13.71 -34.17
N GLU A 35 -4.12 -13.75 -33.54
CA GLU A 35 -3.92 -13.07 -32.27
C GLU A 35 -4.43 -11.63 -32.24
N LEU A 36 -4.11 -10.88 -33.29
CA LEU A 36 -4.52 -9.50 -33.35
C LEU A 36 -5.97 -9.36 -33.02
N LYS A 37 -6.82 -10.16 -33.66
CA LYS A 37 -8.24 -10.06 -33.36
C LYS A 37 -8.51 -10.39 -31.88
N LYS A 38 -7.97 -11.52 -31.43
CA LYS A 38 -8.15 -11.92 -30.04
C LYS A 38 -7.74 -10.73 -29.19
N GLU A 39 -6.60 -10.14 -29.53
CA GLU A 39 -6.08 -8.99 -28.80
C GLU A 39 -6.89 -7.70 -28.97
N LYS A 40 -7.46 -7.48 -30.15
CA LYS A 40 -8.26 -6.28 -30.40
C LYS A 40 -9.55 -6.45 -29.61
N GLN A 41 -10.32 -7.47 -29.98
CA GLN A 41 -11.58 -7.77 -29.30
C GLN A 41 -11.50 -7.47 -27.81
N VAL A 42 -10.47 -8.00 -27.17
CA VAL A 42 -10.27 -7.78 -25.74
C VAL A 42 -9.99 -6.33 -25.41
N ASN A 43 -9.11 -5.69 -26.20
CA ASN A 43 -8.78 -4.27 -25.98
C ASN A 43 -10.03 -3.39 -26.03
N GLN A 44 -11.04 -3.92 -26.70
CA GLN A 44 -12.30 -3.21 -26.84
C GLN A 44 -13.23 -3.54 -25.70
N ARG A 45 -13.23 -4.80 -25.27
CA ARG A 45 -14.08 -5.17 -24.14
C ARG A 45 -13.70 -4.17 -23.05
N ILE A 46 -12.50 -3.62 -23.17
CA ILE A 46 -12.00 -2.63 -22.23
C ILE A 46 -12.58 -1.25 -22.54
N GLU A 47 -12.48 -0.80 -23.79
CA GLU A 47 -13.05 0.50 -24.14
C GLU A 47 -14.47 0.59 -23.58
N ASN A 48 -15.20 -0.53 -23.66
CA ASN A 48 -16.58 -0.60 -23.17
C ASN A 48 -16.60 -0.41 -21.66
N MET A 49 -15.85 -1.25 -20.95
CA MET A 49 -15.79 -1.16 -19.50
C MET A 49 -15.43 0.25 -19.04
N MET A 50 -14.48 0.89 -19.71
CA MET A 50 -14.03 2.24 -19.33
C MET A 50 -15.12 3.28 -19.45
N GLN A 51 -15.96 3.16 -20.48
CA GLN A 51 -17.06 4.09 -20.74
C GLN A 51 -18.21 3.86 -19.74
N GLN A 52 -18.71 2.63 -19.73
CA GLN A 52 -19.79 2.22 -18.85
C GLN A 52 -19.46 2.71 -17.43
N LYS A 53 -18.17 2.83 -17.14
CA LYS A 53 -17.70 3.30 -15.83
C LYS A 53 -17.90 4.80 -15.79
N ALA A 54 -17.13 5.50 -16.61
CA ALA A 54 -17.18 6.95 -16.68
C ALA A 54 -18.60 7.53 -16.59
N GLN A 55 -19.63 6.71 -16.72
CA GLN A 55 -20.99 7.22 -16.62
C GLN A 55 -21.68 6.75 -15.35
N ILE A 56 -20.90 6.53 -14.31
CA ILE A 56 -21.46 6.10 -13.04
C ILE A 56 -21.58 7.30 -12.09
N THR A 57 -22.79 7.47 -11.57
CA THR A 57 -23.11 8.57 -10.68
C THR A 57 -22.13 8.70 -9.54
N SER A 58 -21.53 9.87 -9.38
CA SER A 58 -20.58 10.07 -8.29
C SER A 58 -21.28 9.82 -6.97
N GLN A 59 -22.55 9.45 -7.05
CA GLN A 59 -23.34 9.14 -5.89
C GLN A 59 -23.38 7.62 -5.68
N GLN A 60 -23.77 6.87 -6.73
CA GLN A 60 -23.84 5.41 -6.69
C GLN A 60 -22.69 4.78 -5.91
N LEU A 61 -21.52 5.41 -5.98
CA LEU A 61 -20.36 4.93 -5.26
C LEU A 61 -20.62 4.98 -3.74
N ARG A 62 -21.20 6.07 -3.25
CA ARG A 62 -21.51 6.14 -1.82
C ARG A 62 -22.35 4.91 -1.46
N LYS A 63 -23.37 4.64 -2.27
CA LYS A 63 -24.23 3.49 -2.03
C LYS A 63 -23.36 2.22 -2.11
N ALA A 64 -22.80 1.98 -3.28
CA ALA A 64 -21.94 0.82 -3.48
C ALA A 64 -21.02 0.65 -2.28
N GLN A 65 -20.08 1.58 -2.13
CA GLN A 65 -19.12 1.56 -1.04
C GLN A 65 -19.71 0.96 0.21
N LEU A 66 -20.85 1.48 0.66
CA LEU A 66 -21.46 0.94 1.87
C LEU A 66 -21.72 -0.55 1.70
N GLN A 67 -22.36 -0.94 0.61
CA GLN A 67 -22.62 -2.34 0.36
C GLN A 67 -21.29 -3.06 0.57
N VAL A 68 -20.37 -2.88 -0.37
CA VAL A 68 -19.07 -3.51 -0.30
C VAL A 68 -18.47 -3.52 1.11
N ASP A 69 -18.06 -2.37 1.62
CA ASP A 69 -17.47 -2.29 2.96
C ASP A 69 -18.17 -3.22 3.95
N ARG A 70 -19.49 -3.10 4.02
CA ARG A 70 -20.28 -3.93 4.92
C ARG A 70 -19.87 -5.38 4.77
N PHE A 71 -19.92 -5.87 3.53
CA PHE A 71 -19.57 -7.24 3.21
C PHE A 71 -18.19 -7.58 3.77
N ALA A 72 -17.17 -6.88 3.29
CA ALA A 72 -15.79 -7.10 3.71
C ALA A 72 -15.73 -7.24 5.23
N MET A 73 -16.19 -6.21 5.93
CA MET A 73 -16.21 -6.20 7.38
C MET A 73 -16.49 -7.59 7.89
N GLU A 74 -17.45 -8.26 7.27
CA GLU A 74 -17.78 -9.62 7.68
C GLU A 74 -16.73 -10.64 7.23
N LEU A 75 -16.35 -10.61 5.96
CA LEU A 75 -15.33 -11.53 5.48
C LEU A 75 -14.22 -11.51 6.49
N GLU A 76 -13.86 -10.29 6.91
CA GLU A 76 -12.79 -10.07 7.87
C GLU A 76 -13.06 -10.73 9.23
N GLN A 77 -14.34 -10.78 9.61
CA GLN A 77 -14.72 -11.37 10.88
C GLN A 77 -14.55 -12.90 10.91
N SER A 78 -14.71 -13.51 9.75
CA SER A 78 -14.56 -14.94 9.61
C SER A 78 -13.23 -15.29 8.93
N ARG A 79 -12.22 -14.46 9.16
CA ARG A 79 -10.91 -14.73 8.58
C ARG A 79 -10.47 -16.00 9.31
N ASN A 80 -10.29 -17.09 8.58
CA ASN A 80 -9.91 -18.38 9.17
C ASN A 80 -8.41 -18.64 9.27
N LEU A 81 -7.74 -17.98 10.21
CA LEU A 81 -6.30 -18.15 10.34
C LEU A 81 -5.87 -19.27 11.24
N SER A 82 -6.49 -20.43 11.12
CA SER A 82 -6.08 -21.52 11.97
C SER A 82 -5.40 -22.65 11.21
N ASN A 83 -5.56 -22.68 9.89
CA ASN A 83 -4.93 -23.73 9.14
C ASN A 83 -3.59 -23.38 8.52
N THR A 84 -2.65 -24.31 8.62
CA THR A 84 -1.29 -24.18 8.10
C THR A 84 -1.17 -24.94 6.77
N ILE A 85 -1.52 -24.28 5.67
CA ILE A 85 -1.47 -24.91 4.36
C ILE A 85 -0.06 -24.87 3.78
N VAL A 86 0.29 -25.92 3.04
CA VAL A 86 1.58 -26.03 2.39
C VAL A 86 1.34 -26.35 0.93
N HIS A 87 2.22 -25.84 0.09
CA HIS A 87 2.14 -26.06 -1.35
C HIS A 87 3.51 -26.55 -1.82
N ILE A 88 3.56 -27.75 -2.41
CA ILE A 88 4.82 -28.25 -2.92
C ILE A 88 4.76 -28.13 -4.42
N ASP A 89 5.85 -27.62 -4.98
CA ASP A 89 5.97 -27.39 -6.41
C ASP A 89 7.33 -27.87 -6.93
N MET A 90 7.32 -29.00 -7.63
CA MET A 90 8.56 -29.57 -8.17
C MET A 90 9.35 -28.54 -8.97
N ASP A 91 10.62 -28.84 -9.25
CA ASP A 91 11.45 -27.91 -10.01
C ASP A 91 11.75 -28.41 -11.40
N ALA A 92 11.22 -27.70 -12.40
CA ALA A 92 11.39 -28.08 -13.80
C ALA A 92 11.17 -29.58 -13.85
N PHE A 93 10.06 -30.01 -13.25
CA PHE A 93 9.75 -31.42 -13.13
C PHE A 93 10.07 -32.34 -14.29
N TYR A 94 9.46 -32.10 -15.45
CA TYR A 94 9.71 -32.93 -16.61
C TYR A 94 11.16 -32.84 -17.11
N ALA A 95 11.74 -31.66 -17.01
CA ALA A 95 13.11 -31.45 -17.44
C ALA A 95 14.00 -32.23 -16.49
N ALA A 96 13.86 -31.93 -15.22
CA ALA A 96 14.64 -32.59 -14.18
C ALA A 96 14.58 -34.12 -14.29
N VAL A 97 13.37 -34.69 -14.30
CA VAL A 97 13.24 -36.13 -14.39
C VAL A 97 14.10 -36.69 -15.51
N GLU A 98 13.96 -36.16 -16.70
CA GLU A 98 14.75 -36.64 -17.82
C GLU A 98 16.26 -36.45 -17.65
N MET A 99 16.69 -35.32 -17.09
CA MET A 99 18.12 -35.08 -16.90
C MET A 99 18.70 -36.04 -15.90
N ARG A 100 17.81 -36.63 -15.11
CA ARG A 100 18.19 -37.57 -14.09
C ARG A 100 18.41 -38.92 -14.75
N ASP A 101 17.41 -39.38 -15.48
CA ASP A 101 17.47 -40.67 -16.17
C ASP A 101 18.53 -40.79 -17.28
N ASN A 102 18.89 -39.68 -17.93
CA ASN A 102 19.87 -39.71 -19.03
C ASN A 102 21.00 -38.71 -18.82
N PRO A 103 21.95 -39.05 -17.94
CA PRO A 103 23.10 -38.22 -17.60
C PRO A 103 23.75 -37.41 -18.72
N GLU A 104 24.04 -38.04 -19.84
CA GLU A 104 24.68 -37.37 -20.96
C GLU A 104 24.18 -35.93 -21.12
N LEU A 105 22.99 -35.65 -20.59
CA LEU A 105 22.42 -34.31 -20.66
C LEU A 105 23.07 -33.52 -19.50
N LYS A 106 22.62 -33.80 -18.28
CA LYS A 106 23.14 -33.17 -17.05
C LYS A 106 23.43 -31.67 -17.09
N ASP A 107 24.50 -31.32 -17.78
CA ASP A 107 24.95 -29.94 -17.89
C ASP A 107 24.78 -29.41 -19.31
N LYS A 108 23.62 -29.67 -19.89
CA LYS A 108 23.34 -29.22 -21.24
C LYS A 108 22.00 -28.51 -21.16
N PRO A 109 21.59 -27.83 -22.24
CA PRO A 109 20.31 -27.11 -22.30
C PRO A 109 19.25 -27.96 -22.99
N ILE A 110 18.33 -28.51 -22.20
CA ILE A 110 17.25 -29.35 -22.74
C ILE A 110 15.88 -28.68 -22.65
N ALA A 111 14.84 -29.44 -22.97
CA ALA A 111 13.49 -28.93 -22.94
C ALA A 111 12.56 -30.06 -23.39
N VAL A 112 11.58 -30.39 -22.55
CA VAL A 112 10.64 -31.46 -22.89
C VAL A 112 9.57 -30.91 -23.85
N GLY A 113 9.06 -31.76 -24.73
CA GLY A 113 8.06 -31.31 -25.68
C GLY A 113 8.33 -31.74 -27.11
N SER A 114 7.88 -30.94 -28.08
CA SER A 114 8.07 -31.27 -29.48
C SER A 114 8.60 -30.05 -30.20
N MET A 115 8.56 -30.09 -31.53
CA MET A 115 9.06 -28.99 -32.34
C MET A 115 7.99 -27.89 -32.45
N SER A 116 6.74 -28.26 -32.21
CA SER A 116 5.61 -27.35 -32.26
C SER A 116 5.39 -26.59 -30.95
N MET A 117 5.39 -27.31 -29.83
CA MET A 117 5.17 -26.69 -28.52
C MET A 117 6.06 -27.31 -27.45
N LEU A 118 6.76 -26.47 -26.68
CA LEU A 118 7.65 -26.96 -25.63
C LEU A 118 6.97 -26.93 -24.27
N SER A 119 7.10 -27.99 -23.47
CA SER A 119 6.47 -28.01 -22.16
C SER A 119 7.28 -27.44 -20.98
N THR A 120 8.47 -27.98 -20.69
CA THR A 120 9.31 -27.45 -19.59
C THR A 120 10.74 -27.27 -20.09
N SER A 121 11.61 -26.67 -19.29
CA SER A 121 12.99 -26.49 -19.71
C SER A 121 13.85 -26.33 -18.48
N ASN A 122 15.02 -26.93 -18.48
CA ASN A 122 15.89 -26.81 -17.32
C ASN A 122 16.35 -25.39 -17.23
N TYR A 123 16.80 -25.00 -16.04
CA TYR A 123 17.24 -23.64 -15.82
C TYR A 123 18.31 -23.17 -16.79
N HIS A 124 19.28 -24.03 -17.06
CA HIS A 124 20.36 -23.68 -17.99
C HIS A 124 19.80 -23.36 -19.38
N ALA A 125 18.76 -24.06 -19.80
CA ALA A 125 18.19 -23.82 -21.11
C ALA A 125 17.32 -22.57 -21.06
N ARG A 126 16.94 -22.17 -19.87
CA ARG A 126 16.10 -21.00 -19.71
C ARG A 126 16.91 -19.73 -19.95
N ARG A 127 18.16 -19.71 -19.50
CA ARG A 127 18.99 -18.51 -19.69
C ARG A 127 19.06 -18.11 -21.17
N PHE A 128 18.52 -18.95 -22.05
CA PHE A 128 18.54 -18.64 -23.47
C PHE A 128 17.18 -18.11 -23.88
N GLY A 129 16.21 -18.22 -22.98
CA GLY A 129 14.87 -17.75 -23.28
C GLY A 129 13.85 -18.87 -23.35
N VAL A 130 14.33 -20.09 -23.54
CA VAL A 130 13.44 -21.23 -23.63
C VAL A 130 12.62 -21.34 -22.36
N ARG A 131 11.33 -21.02 -22.46
CA ARG A 131 10.40 -21.10 -21.33
C ARG A 131 9.21 -21.95 -21.76
N ALA A 132 8.46 -22.45 -20.80
CA ALA A 132 7.31 -23.26 -21.12
C ALA A 132 6.39 -22.57 -22.12
N ALA A 133 5.58 -23.33 -22.83
CA ALA A 133 4.64 -22.76 -23.78
C ALA A 133 5.22 -21.87 -24.87
N MET A 134 6.30 -22.34 -25.49
CA MET A 134 6.95 -21.61 -26.56
C MET A 134 7.31 -22.63 -27.66
N PRO A 135 6.76 -22.43 -28.88
CA PRO A 135 7.00 -23.33 -30.01
C PRO A 135 8.41 -23.89 -30.03
N GLY A 136 8.53 -25.18 -30.27
CA GLY A 136 9.84 -25.82 -30.30
C GLY A 136 10.80 -25.19 -31.29
N PHE A 137 10.37 -25.11 -32.53
CA PHE A 137 11.21 -24.54 -33.58
C PHE A 137 11.73 -23.14 -33.18
N ILE A 138 10.87 -22.31 -32.60
CA ILE A 138 11.27 -20.97 -32.18
C ILE A 138 12.42 -21.00 -31.18
N ALA A 139 12.30 -21.85 -30.16
CA ALA A 139 13.33 -21.98 -29.12
C ALA A 139 14.72 -22.21 -29.68
N LYS A 140 14.83 -23.12 -30.65
CA LYS A 140 16.11 -23.43 -31.27
C LYS A 140 16.79 -22.21 -31.94
N ARG A 141 16.05 -21.10 -32.05
CA ARG A 141 16.58 -19.89 -32.64
C ARG A 141 17.33 -19.13 -31.55
N LEU A 142 16.92 -19.34 -30.31
CA LEU A 142 17.57 -18.68 -29.20
C LEU A 142 18.64 -19.60 -28.63
N CYS A 143 18.56 -20.88 -28.97
CA CYS A 143 19.51 -21.85 -28.44
C CYS A 143 19.72 -22.98 -29.41
N PRO A 144 20.43 -22.70 -30.51
CA PRO A 144 20.72 -23.68 -31.54
C PRO A 144 21.25 -24.99 -30.99
N GLN A 145 21.96 -24.90 -29.87
CA GLN A 145 22.53 -26.10 -29.27
C GLN A 145 21.56 -26.83 -28.33
N LEU A 146 20.26 -26.53 -28.47
CA LEU A 146 19.22 -27.12 -27.63
C LEU A 146 19.02 -28.62 -27.87
N ILE A 147 18.39 -29.29 -26.91
CA ILE A 147 18.13 -30.72 -27.04
C ILE A 147 16.69 -30.98 -26.60
N ILE A 148 15.78 -31.08 -27.58
CA ILE A 148 14.37 -31.30 -27.31
C ILE A 148 13.98 -32.76 -27.12
N VAL A 149 13.64 -33.12 -25.89
CA VAL A 149 13.24 -34.48 -25.57
C VAL A 149 11.73 -34.61 -25.53
N PRO A 150 11.17 -35.54 -26.33
CA PRO A 150 9.72 -35.79 -26.42
C PRO A 150 9.27 -36.37 -25.10
N PRO A 151 8.16 -35.86 -24.54
CA PRO A 151 7.60 -36.32 -23.28
C PRO A 151 7.14 -37.77 -23.21
N ASN A 152 7.28 -38.37 -22.03
CA ASN A 152 6.84 -39.74 -21.78
C ASN A 152 6.05 -39.74 -20.48
N PHE A 153 4.85 -39.18 -20.53
CA PHE A 153 3.99 -39.08 -19.36
C PHE A 153 3.91 -40.36 -18.51
N ASP A 154 4.18 -41.50 -19.11
CA ASP A 154 4.13 -42.73 -18.35
C ASP A 154 5.22 -42.76 -17.30
N LYS A 155 6.30 -42.03 -17.55
CA LYS A 155 7.39 -41.97 -16.59
C LYS A 155 6.99 -41.03 -15.47
N TYR A 156 6.74 -39.78 -15.82
CA TYR A 156 6.36 -38.76 -14.83
C TYR A 156 5.21 -39.23 -13.92
N ARG A 157 4.10 -39.62 -14.51
CA ARG A 157 2.96 -40.09 -13.76
C ARG A 157 3.44 -40.98 -12.62
N ALA A 158 4.44 -41.80 -12.93
CA ALA A 158 5.00 -42.75 -11.98
C ALA A 158 5.96 -42.16 -10.97
N VAL A 159 6.80 -41.23 -11.39
CA VAL A 159 7.74 -40.61 -10.46
C VAL A 159 6.96 -39.78 -9.46
N SER A 160 5.76 -39.37 -9.87
CA SER A 160 4.90 -38.57 -9.02
C SER A 160 4.45 -39.44 -7.85
N LYS A 161 3.78 -40.54 -8.15
CA LYS A 161 3.30 -41.43 -7.09
C LYS A 161 4.34 -41.80 -6.02
N GLU A 162 5.63 -41.68 -6.32
CA GLU A 162 6.66 -41.98 -5.32
C GLU A 162 6.76 -40.76 -4.42
N VAL A 163 6.49 -39.58 -4.97
CA VAL A 163 6.54 -38.33 -4.22
C VAL A 163 5.25 -38.16 -3.41
N LYS A 164 4.17 -38.74 -3.89
CA LYS A 164 2.91 -38.67 -3.19
C LYS A 164 3.01 -39.49 -1.93
N GLU A 165 3.30 -40.78 -2.08
CA GLU A 165 3.43 -41.68 -0.93
C GLU A 165 4.15 -41.04 0.25
N ILE A 166 4.96 -40.02 -0.02
CA ILE A 166 5.69 -39.34 1.02
C ILE A 166 4.80 -38.30 1.67
N LEU A 167 4.00 -37.65 0.84
CA LEU A 167 3.08 -36.65 1.34
C LEU A 167 2.07 -37.30 2.25
N ALA A 168 1.54 -38.44 1.81
CA ALA A 168 0.55 -39.17 2.60
C ALA A 168 0.89 -39.18 4.09
N ASP A 169 2.13 -39.56 4.43
CA ASP A 169 2.56 -39.60 5.83
C ASP A 169 2.43 -38.24 6.51
N TYR A 170 1.75 -37.28 5.86
CA TYR A 170 1.57 -35.93 6.41
C TYR A 170 0.13 -35.42 6.26
N ASP A 171 -0.59 -35.97 5.29
CA ASP A 171 -1.96 -35.60 5.06
C ASP A 171 -2.60 -36.65 4.19
N PRO A 172 -3.46 -37.46 4.78
CA PRO A 172 -4.18 -38.55 4.11
C PRO A 172 -4.96 -38.08 2.88
N ASN A 173 -5.45 -36.85 2.95
CA ASN A 173 -6.25 -36.26 1.87
C ASN A 173 -5.49 -35.10 1.27
N PHE A 174 -4.29 -35.36 0.77
CA PHE A 174 -3.49 -34.29 0.22
C PHE A 174 -4.02 -33.57 -1.02
N MET A 175 -4.81 -34.22 -1.87
CA MET A 175 -5.29 -33.53 -3.08
C MET A 175 -4.12 -32.91 -3.88
N ALA A 176 -3.97 -33.28 -5.14
CA ALA A 176 -2.89 -32.72 -5.91
C ALA A 176 -3.39 -32.03 -7.15
N MET A 177 -3.03 -30.77 -7.32
CA MET A 177 -3.46 -30.00 -8.48
C MET A 177 -2.92 -30.58 -9.79
N SER A 178 -1.71 -31.12 -9.74
CA SER A 178 -1.09 -31.68 -10.94
C SER A 178 0.05 -32.65 -10.59
N LEU A 179 0.94 -32.94 -11.54
CA LEU A 179 2.05 -33.85 -11.28
C LEU A 179 3.17 -33.15 -10.51
N ASP A 180 3.36 -31.86 -10.78
CA ASP A 180 4.41 -31.08 -10.11
C ASP A 180 3.88 -30.22 -8.97
N GLU A 181 2.58 -30.28 -8.68
CA GLU A 181 2.04 -29.45 -7.61
C GLU A 181 1.13 -30.25 -6.70
N ALA A 182 1.01 -29.81 -5.45
CA ALA A 182 0.12 -30.47 -4.49
C ALA A 182 -0.02 -29.65 -3.21
N TYR A 183 -1.21 -29.68 -2.59
CA TYR A 183 -1.48 -28.94 -1.35
C TYR A 183 -1.52 -29.88 -0.15
N LEU A 184 -1.16 -29.39 1.02
CA LEU A 184 -1.21 -30.23 2.21
C LEU A 184 -1.70 -29.46 3.42
N ASN A 185 -2.42 -30.13 4.32
CA ASN A 185 -2.89 -29.47 5.53
C ASN A 185 -2.21 -30.02 6.77
N ILE A 186 -0.91 -29.74 6.86
CA ILE A 186 -0.09 -30.20 7.97
C ILE A 186 -0.53 -29.61 9.29
N THR A 187 -1.74 -29.04 9.32
CA THR A 187 -2.19 -28.46 10.58
C THR A 187 -2.44 -29.59 11.56
N LYS A 188 -2.86 -30.75 11.06
CA LYS A 188 -3.11 -31.88 11.94
C LYS A 188 -1.80 -32.54 12.30
N HIS A 189 -0.99 -32.95 11.33
CA HIS A 189 0.30 -33.56 11.67
C HIS A 189 1.06 -32.66 12.67
N LEU A 190 0.98 -31.35 12.50
CA LEU A 190 1.68 -30.45 13.39
C LEU A 190 1.25 -30.66 14.82
N GLU A 191 -0.06 -30.75 15.03
CA GLU A 191 -0.62 -30.97 16.37
C GLU A 191 0.05 -32.12 17.06
N GLU A 192 -0.04 -33.30 16.46
CA GLU A 192 0.53 -34.49 17.06
C GLU A 192 2.04 -34.66 16.89
N ARG A 193 2.77 -33.58 16.80
CA ARG A 193 4.21 -33.73 16.65
C ARG A 193 4.97 -32.97 17.71
N GLN A 194 4.46 -31.80 18.09
CA GLN A 194 5.12 -31.00 19.11
C GLN A 194 5.71 -31.90 20.19
N ASN A 195 4.94 -32.86 20.69
CA ASN A 195 5.47 -33.76 21.71
C ASN A 195 5.83 -35.12 21.13
N TRP A 196 6.88 -35.15 20.31
CA TRP A 196 7.33 -36.37 19.69
C TRP A 196 8.80 -36.60 20.02
N PRO A 197 9.21 -37.87 20.23
CA PRO A 197 10.62 -38.10 20.54
C PRO A 197 11.50 -37.65 19.39
N GLU A 198 12.79 -37.89 19.49
CA GLU A 198 13.69 -37.48 18.42
C GLU A 198 13.85 -38.64 17.46
N ASP A 199 13.27 -39.78 17.82
CA ASP A 199 13.37 -40.97 17.01
C ASP A 199 12.53 -40.91 15.75
N LYS A 200 11.41 -40.20 15.83
CA LYS A 200 10.53 -40.07 14.68
C LYS A 200 10.87 -38.85 13.87
N ARG A 201 11.98 -38.20 14.21
CA ARG A 201 12.40 -36.99 13.52
C ARG A 201 13.87 -36.96 13.06
N ARG A 202 14.43 -38.15 12.82
CA ARG A 202 15.81 -38.25 12.35
C ARG A 202 15.78 -39.07 11.07
N TYR A 203 16.64 -38.72 10.13
CA TYR A 203 16.72 -39.43 8.87
C TYR A 203 18.16 -39.58 8.37
N PHE A 204 18.42 -40.73 7.78
CA PHE A 204 19.71 -41.14 7.24
C PHE A 204 20.04 -40.47 5.90
N ILE A 205 21.29 -40.05 5.73
CA ILE A 205 21.73 -39.36 4.51
C ILE A 205 22.10 -40.29 3.31
N LYS A 206 23.39 -40.42 3.00
CA LYS A 206 23.93 -41.28 1.91
C LYS A 206 24.32 -40.55 0.62
N ASN A 264 24.67 -41.77 8.09
CA ASN A 264 24.71 -40.57 8.91
C ASN A 264 23.30 -39.99 8.96
N SER A 265 23.02 -39.13 9.94
CA SER A 265 21.67 -38.57 10.06
C SER A 265 21.56 -37.09 10.39
N VAL A 266 20.35 -36.58 10.18
CA VAL A 266 19.97 -35.19 10.47
C VAL A 266 18.59 -35.25 11.14
N VAL A 267 18.39 -34.42 12.15
CA VAL A 267 17.15 -34.41 12.88
C VAL A 267 16.37 -33.12 12.63
N PHE A 268 15.07 -33.25 12.43
CA PHE A 268 14.22 -32.09 12.14
C PHE A 268 13.41 -31.57 13.32
N GLY A 269 13.25 -30.26 13.40
CA GLY A 269 12.49 -29.65 14.49
C GLY A 269 10.99 -29.91 14.50
N THR A 270 10.26 -29.02 15.18
CA THR A 270 8.81 -29.16 15.28
C THR A 270 8.03 -28.08 14.58
N SER A 271 8.70 -26.97 14.23
CA SER A 271 8.00 -25.88 13.57
C SER A 271 7.53 -26.30 12.19
N ALA A 272 6.52 -25.60 11.67
CA ALA A 272 6.00 -25.91 10.34
C ALA A 272 7.12 -25.69 9.36
N GLN A 273 8.05 -24.81 9.72
CA GLN A 273 9.19 -24.52 8.87
C GLN A 273 9.99 -25.80 8.65
N GLU A 274 10.26 -26.51 9.75
CA GLU A 274 11.03 -27.78 9.73
C GLU A 274 10.24 -28.93 9.10
N VAL A 275 8.97 -29.05 9.46
CA VAL A 275 8.16 -30.11 8.89
C VAL A 275 8.28 -30.04 7.37
N VAL A 276 8.13 -28.86 6.78
CA VAL A 276 8.27 -28.75 5.33
C VAL A 276 9.74 -29.05 4.91
N LYS A 277 10.72 -28.60 5.69
CA LYS A 277 12.13 -28.90 5.36
C LYS A 277 12.39 -30.42 5.31
N GLU A 278 11.68 -31.17 6.16
CA GLU A 278 11.80 -32.62 6.22
C GLU A 278 11.20 -33.25 4.99
N ILE A 279 10.14 -32.63 4.46
CA ILE A 279 9.46 -33.14 3.29
C ILE A 279 10.27 -32.85 2.06
N ARG A 280 10.89 -31.67 2.04
CA ARG A 280 11.72 -31.29 0.90
C ARG A 280 12.94 -32.17 0.89
N PHE A 281 13.19 -32.79 2.04
CA PHE A 281 14.34 -33.69 2.20
C PHE A 281 13.99 -35.12 1.87
N ARG A 282 12.92 -35.64 2.48
CA ARG A 282 12.51 -37.01 2.22
C ARG A 282 12.38 -37.22 0.72
N ILE A 283 11.86 -36.23 0.02
CA ILE A 283 11.70 -36.33 -1.44
C ILE A 283 13.04 -36.39 -2.11
N GLU A 284 13.89 -35.40 -1.81
CA GLU A 284 15.24 -35.34 -2.37
C GLU A 284 15.87 -36.74 -2.42
N GLN A 285 16.08 -37.30 -1.23
CA GLN A 285 16.68 -38.61 -1.04
C GLN A 285 15.77 -39.77 -1.40
N LYS A 286 15.10 -39.69 -2.54
CA LYS A 286 14.24 -40.77 -2.95
C LYS A 286 13.82 -40.51 -4.37
N THR A 287 14.51 -39.55 -5.01
CA THR A 287 14.30 -39.18 -6.43
C THR A 287 15.45 -38.39 -7.02
N THR A 288 16.17 -37.69 -6.15
CA THR A 288 17.29 -36.86 -6.58
C THR A 288 16.75 -35.51 -6.99
N LEU A 289 15.42 -35.42 -7.15
CA LEU A 289 14.76 -34.19 -7.58
C LEU A 289 14.51 -33.20 -6.43
N THR A 290 14.42 -31.90 -6.74
CA THR A 290 14.16 -30.91 -5.70
C THR A 290 12.90 -30.13 -6.03
N ALA A 291 12.32 -29.51 -5.00
CA ALA A 291 11.09 -28.74 -5.15
C ALA A 291 10.94 -27.64 -4.08
N SER A 292 10.42 -26.51 -4.52
CA SER A 292 10.22 -25.38 -3.63
C SER A 292 8.89 -25.56 -2.94
N ALA A 293 8.63 -24.78 -1.91
CA ALA A 293 7.39 -24.86 -1.18
C ALA A 293 7.01 -23.58 -0.45
N GLY A 294 5.71 -23.36 -0.30
CA GLY A 294 5.22 -22.18 0.41
C GLY A 294 4.32 -22.57 1.58
N ILE A 295 4.33 -21.75 2.62
CA ILE A 295 3.51 -22.03 3.80
C ILE A 295 2.71 -20.81 4.24
N ALA A 296 1.39 -20.86 4.02
CA ALA A 296 0.50 -19.76 4.40
C ALA A 296 -0.79 -20.31 5.03
N PRO A 297 -1.54 -19.46 5.76
CA PRO A 297 -2.78 -19.81 6.44
C PRO A 297 -3.87 -20.26 5.50
N ASN A 298 -3.75 -19.92 4.22
CA ASN A 298 -4.72 -20.38 3.25
C ASN A 298 -4.05 -20.75 1.93
N THR A 299 -4.72 -21.60 1.19
CA THR A 299 -4.21 -22.11 -0.06
C THR A 299 -3.90 -21.07 -1.15
N MET A 300 -4.46 -19.88 -1.02
CA MET A 300 -4.26 -18.83 -2.01
C MET A 300 -2.84 -18.29 -2.00
N LEU A 301 -2.33 -18.10 -0.79
CA LEU A 301 -1.00 -17.58 -0.56
C LEU A 301 0.06 -18.66 -0.66
N ALA A 302 -0.33 -19.88 -0.33
CA ALA A 302 0.60 -20.98 -0.40
C ALA A 302 1.11 -21.06 -1.83
N LYS A 303 0.21 -21.00 -2.79
CA LYS A 303 0.58 -21.08 -4.20
C LYS A 303 1.50 -19.95 -4.64
N VAL A 304 1.36 -18.78 -4.03
CA VAL A 304 2.22 -17.66 -4.39
C VAL A 304 3.52 -17.84 -3.65
N CYS A 305 3.45 -18.26 -2.40
CA CYS A 305 4.64 -18.44 -1.58
C CYS A 305 5.66 -19.47 -2.00
N SER A 306 5.23 -20.55 -2.65
CA SER A 306 6.16 -21.60 -3.06
C SER A 306 7.16 -21.09 -4.09
N ASP A 307 6.72 -20.14 -4.89
CA ASP A 307 7.58 -19.62 -5.91
C ASP A 307 8.52 -18.54 -5.41
N LYS A 308 8.23 -17.90 -4.30
CA LYS A 308 9.11 -16.85 -3.78
C LYS A 308 10.59 -17.25 -3.66
N ASN A 309 10.84 -18.49 -3.24
CA ASN A 309 12.19 -18.97 -3.08
C ASN A 309 12.54 -20.22 -3.85
N LYS A 310 12.15 -20.24 -5.11
CA LYS A 310 12.44 -21.37 -6.00
C LYS A 310 13.72 -20.98 -6.75
N PRO A 311 14.54 -21.96 -7.16
CA PRO A 311 14.35 -23.40 -6.99
C PRO A 311 14.84 -23.86 -5.63
N ASN A 312 14.44 -25.08 -5.28
CA ASN A 312 14.82 -25.70 -4.02
C ASN A 312 14.89 -24.70 -2.87
N GLY A 313 13.72 -24.30 -2.38
CA GLY A 313 13.68 -23.36 -1.28
C GLY A 313 12.25 -23.24 -0.78
N GLN A 314 11.98 -22.34 0.15
CA GLN A 314 10.63 -22.19 0.65
C GLN A 314 10.48 -20.87 1.35
N TYR A 315 9.24 -20.51 1.66
CA TYR A 315 8.94 -19.26 2.32
C TYR A 315 7.62 -19.37 3.05
N GLN A 316 7.51 -18.72 4.20
CA GLN A 316 6.27 -18.82 4.96
C GLN A 316 5.71 -17.48 5.38
N ILE A 317 4.41 -17.46 5.66
CA ILE A 317 3.70 -16.27 6.11
C ILE A 317 3.09 -16.71 7.42
N LEU A 318 3.54 -16.17 8.54
CA LEU A 318 2.99 -16.59 9.83
C LEU A 318 1.46 -16.43 9.87
N PRO A 319 0.82 -16.93 10.93
CA PRO A 319 -0.63 -16.83 11.05
C PRO A 319 -1.28 -15.50 11.42
N ASN A 320 -0.55 -14.60 12.09
CA ASN A 320 -1.15 -13.32 12.48
C ASN A 320 -1.71 -12.52 11.28
N ARG A 321 -2.68 -11.64 11.51
CA ARG A 321 -3.26 -10.86 10.41
C ARG A 321 -2.17 -10.10 9.69
N GLN A 322 -1.59 -9.12 10.38
CA GLN A 322 -0.52 -8.31 9.81
C GLN A 322 0.35 -8.97 8.75
N ALA A 323 0.78 -10.21 9.00
CA ALA A 323 1.63 -10.93 8.03
C ALA A 323 0.92 -11.02 6.69
N VAL A 324 -0.28 -11.57 6.71
CA VAL A 324 -1.08 -11.70 5.51
C VAL A 324 -1.16 -10.34 4.80
N MET A 325 -1.43 -9.28 5.56
CA MET A 325 -1.53 -7.92 5.02
C MET A 325 -0.19 -7.36 4.55
N ASP A 326 0.77 -7.27 5.46
CA ASP A 326 2.09 -6.76 5.09
C ASP A 326 2.64 -7.47 3.89
N PHE A 327 2.20 -8.71 3.65
CA PHE A 327 2.68 -9.48 2.50
C PHE A 327 2.11 -8.96 1.18
N ILE A 328 0.80 -9.09 1.02
CA ILE A 328 0.16 -8.63 -0.22
C ILE A 328 0.20 -7.12 -0.41
N LYS A 329 0.48 -6.40 0.67
CA LYS A 329 0.51 -4.93 0.65
C LYS A 329 0.99 -4.34 -0.65
N ASP A 330 2.03 -4.91 -1.24
CA ASP A 330 2.54 -4.37 -2.50
C ASP A 330 2.82 -5.47 -3.50
N LEU A 331 2.05 -6.53 -3.40
CA LEU A 331 2.15 -7.70 -4.26
C LEU A 331 1.40 -7.55 -5.59
N PRO A 332 2.10 -7.71 -6.70
CA PRO A 332 1.60 -7.63 -8.07
C PRO A 332 0.36 -8.48 -8.30
N ILE A 333 -0.75 -7.83 -8.63
CA ILE A 333 -2.02 -8.54 -8.84
C ILE A 333 -1.96 -9.76 -9.74
N ARG A 334 -1.12 -9.73 -10.75
CA ARG A 334 -1.04 -10.87 -11.66
C ARG A 334 -0.47 -12.12 -11.04
N LYS A 335 0.53 -11.93 -10.18
CA LYS A 335 1.18 -13.04 -9.53
C LYS A 335 0.20 -14.07 -9.03
N VAL A 336 -0.97 -13.60 -8.59
CA VAL A 336 -1.99 -14.48 -8.07
C VAL A 336 -2.36 -15.63 -9.00
N SER A 337 -2.57 -16.79 -8.38
CA SER A 337 -2.93 -18.04 -9.06
C SER A 337 -4.29 -18.04 -9.71
N GLY A 338 -4.67 -16.89 -10.25
CA GLY A 338 -5.97 -16.78 -10.89
C GLY A 338 -6.08 -15.60 -11.82
N ILE A 339 -5.20 -14.62 -11.64
CA ILE A 339 -5.21 -13.45 -12.49
C ILE A 339 -4.29 -13.72 -13.68
N GLY A 340 -4.85 -13.63 -14.88
CA GLY A 340 -4.09 -13.93 -16.08
C GLY A 340 -3.76 -12.73 -16.95
N LYS A 341 -3.45 -13.01 -18.21
CA LYS A 341 -3.07 -11.98 -19.19
C LYS A 341 -4.14 -10.92 -19.46
N VAL A 342 -5.39 -11.35 -19.49
CA VAL A 342 -6.49 -10.45 -19.76
C VAL A 342 -6.88 -9.63 -18.53
N THR A 343 -7.16 -10.32 -17.44
CA THR A 343 -7.53 -9.65 -16.21
C THR A 343 -6.46 -8.64 -15.79
N GLU A 344 -5.20 -8.93 -16.09
CA GLU A 344 -4.11 -8.03 -15.73
C GLU A 344 -4.18 -6.75 -16.53
N LYS A 345 -4.33 -6.88 -17.85
CA LYS A 345 -4.41 -5.70 -18.70
C LYS A 345 -5.70 -4.98 -18.34
N MET A 346 -6.79 -5.72 -18.49
CA MET A 346 -8.10 -5.21 -18.21
C MET A 346 -8.19 -4.43 -16.89
N LEU A 347 -7.41 -4.82 -15.89
CA LEU A 347 -7.44 -4.13 -14.60
C LEU A 347 -6.53 -2.92 -14.50
N LYS A 348 -5.38 -2.96 -15.18
CA LYS A 348 -4.43 -1.85 -15.15
C LYS A 348 -5.09 -0.68 -15.84
N ALA A 349 -6.16 -0.98 -16.57
CA ALA A 349 -6.92 0.04 -17.27
C ALA A 349 -7.53 1.00 -16.23
N LEU A 350 -7.96 0.46 -15.09
CA LEU A 350 -8.54 1.28 -14.03
C LEU A 350 -7.43 1.72 -13.07
N GLY A 351 -6.19 1.34 -13.43
CA GLY A 351 -5.00 1.69 -12.63
C GLY A 351 -4.59 0.69 -11.56
N ILE A 352 -5.24 -0.46 -11.52
CA ILE A 352 -4.96 -1.47 -10.52
C ILE A 352 -3.73 -2.32 -10.85
N ILE A 353 -2.75 -2.24 -9.96
CA ILE A 353 -1.49 -2.98 -10.08
C ILE A 353 -1.19 -3.95 -8.91
N THR A 354 -1.32 -3.48 -7.67
CA THR A 354 -1.07 -4.30 -6.49
C THR A 354 -2.40 -4.59 -5.79
N CYS A 355 -2.41 -5.56 -4.87
CA CYS A 355 -3.64 -5.90 -4.14
C CYS A 355 -4.06 -4.75 -3.24
N THR A 356 -3.08 -3.95 -2.81
CA THR A 356 -3.39 -2.84 -1.95
C THR A 356 -4.19 -1.86 -2.80
N GLU A 357 -3.77 -1.63 -4.04
CA GLU A 357 -4.50 -0.72 -4.90
C GLU A 357 -5.89 -1.29 -5.10
N LEU A 358 -5.93 -2.51 -5.62
CA LEU A 358 -7.19 -3.21 -5.87
C LEU A 358 -8.17 -3.06 -4.72
N TYR A 359 -7.73 -3.33 -3.51
CA TYR A 359 -8.60 -3.23 -2.35
C TYR A 359 -9.34 -1.87 -2.22
N GLN A 360 -8.66 -0.77 -2.49
CA GLN A 360 -9.32 0.51 -2.35
C GLN A 360 -9.92 1.04 -3.62
N GLN A 361 -10.47 0.14 -4.42
CA GLN A 361 -11.15 0.47 -5.66
C GLN A 361 -12.29 -0.54 -5.64
N ARG A 362 -12.51 -1.11 -4.46
CA ARG A 362 -13.55 -2.10 -4.24
C ARG A 362 -14.93 -1.58 -4.60
N ALA A 363 -15.12 -0.27 -4.44
CA ALA A 363 -16.40 0.34 -4.74
C ALA A 363 -16.71 0.19 -6.23
N LEU A 364 -15.88 0.84 -7.03
CA LEU A 364 -15.99 0.84 -8.48
C LEU A 364 -16.03 -0.58 -9.08
N LEU A 365 -15.12 -1.44 -8.62
CA LEU A 365 -15.06 -2.82 -9.12
C LEU A 365 -16.42 -3.44 -8.97
N SER A 366 -17.02 -3.23 -7.80
CA SER A 366 -18.32 -3.79 -7.50
C SER A 366 -19.39 -3.41 -8.51
N LEU A 367 -19.09 -2.47 -9.40
CA LEU A 367 -20.08 -2.07 -10.38
C LEU A 367 -19.62 -2.25 -11.81
N LEU A 368 -18.62 -3.11 -12.03
CA LEU A 368 -18.15 -3.33 -13.40
C LEU A 368 -17.94 -4.80 -13.73
N PHE A 369 -17.61 -5.60 -12.73
CA PHE A 369 -17.41 -7.03 -12.95
C PHE A 369 -18.54 -7.77 -12.28
N SER A 370 -19.17 -8.68 -13.01
CA SER A 370 -20.28 -9.47 -12.48
C SER A 370 -20.04 -9.75 -11.01
N GLU A 371 -21.12 -9.98 -10.27
CA GLU A 371 -20.99 -10.25 -8.85
C GLU A 371 -19.94 -11.32 -8.56
N THR A 372 -20.16 -12.51 -9.10
CA THR A 372 -19.26 -13.62 -8.87
C THR A 372 -17.76 -13.27 -9.00
N SER A 373 -17.47 -12.13 -9.62
CA SER A 373 -16.09 -11.72 -9.82
C SER A 373 -15.49 -10.82 -8.77
N TRP A 374 -16.09 -9.65 -8.52
CA TRP A 374 -15.51 -8.76 -7.52
C TRP A 374 -15.42 -9.45 -6.17
N HIS A 375 -16.13 -10.58 -6.04
CA HIS A 375 -16.09 -11.34 -4.81
C HIS A 375 -14.66 -11.86 -4.74
N TYR A 376 -14.20 -12.37 -5.86
CA TYR A 376 -12.85 -12.89 -5.98
C TYR A 376 -11.86 -11.77 -5.61
N PHE A 377 -11.93 -10.66 -6.34
CA PHE A 377 -11.04 -9.51 -6.11
C PHE A 377 -11.05 -9.02 -4.68
N LEU A 378 -12.23 -8.97 -4.08
CA LEU A 378 -12.36 -8.50 -2.70
C LEU A 378 -11.50 -9.41 -1.81
N HIS A 379 -11.56 -10.72 -2.07
CA HIS A 379 -10.79 -11.72 -1.32
C HIS A 379 -9.28 -11.55 -1.41
N ILE A 380 -8.79 -11.38 -2.63
CA ILE A 380 -7.38 -11.19 -2.88
C ILE A 380 -6.89 -9.90 -2.23
N SER A 381 -7.83 -9.01 -1.94
CA SER A 381 -7.51 -7.73 -1.32
C SER A 381 -7.24 -7.90 0.15
N LEU A 382 -7.99 -8.81 0.78
CA LEU A 382 -7.87 -9.08 2.21
C LEU A 382 -6.88 -10.20 2.48
N GLY A 383 -6.52 -10.95 1.45
CA GLY A 383 -5.57 -12.03 1.63
C GLY A 383 -6.31 -13.28 2.06
N LEU A 384 -7.48 -13.48 1.46
CA LEU A 384 -8.31 -14.62 1.79
C LEU A 384 -8.21 -15.73 0.78
N GLY A 385 -8.16 -16.95 1.28
CA GLY A 385 -8.08 -18.13 0.43
C GLY A 385 -8.88 -19.24 1.06
N SER A 386 -8.87 -20.42 0.45
CA SER A 386 -9.60 -21.56 0.97
C SER A 386 -8.82 -22.16 2.14
N THR A 387 -9.49 -23.00 2.90
CA THR A 387 -8.84 -23.64 4.04
C THR A 387 -9.34 -25.07 4.24
N HIS A 388 -9.85 -25.68 3.17
CA HIS A 388 -10.29 -27.07 3.23
C HIS A 388 -10.05 -27.67 1.85
N LEU A 389 -9.02 -28.50 1.77
CA LEU A 389 -8.65 -29.17 0.53
C LEU A 389 -9.74 -30.20 0.33
N THR A 390 -10.75 -29.84 -0.45
CA THR A 390 -11.89 -30.73 -0.71
C THR A 390 -11.46 -32.20 -0.75
N ARG A 391 -10.82 -32.62 -1.84
CA ARG A 391 -10.33 -34.00 -2.03
C ARG A 391 -11.36 -35.01 -2.54
N ASP A 392 -10.85 -36.07 -3.16
CA ASP A 392 -11.65 -37.16 -3.76
C ASP A 392 -12.28 -36.66 -5.07
N GLY A 393 -11.43 -36.49 -6.07
CA GLY A 393 -11.81 -35.99 -7.39
C GLY A 393 -13.22 -36.25 -7.89
N GLU A 394 -14.00 -35.18 -8.08
CA GLU A 394 -15.39 -35.31 -8.55
C GLU A 394 -15.41 -35.60 -10.07
N ARG A 395 -14.73 -34.75 -10.84
CA ARG A 395 -14.64 -34.86 -12.30
C ARG A 395 -15.89 -34.33 -12.97
N LYS A 396 -15.71 -33.34 -13.84
CA LYS A 396 -16.84 -32.76 -14.52
C LYS A 396 -16.88 -33.15 -15.99
N SER A 397 -15.77 -32.94 -16.70
CA SER A 397 -15.71 -33.28 -18.13
C SER A 397 -14.62 -34.32 -18.43
N MET A 398 -14.39 -34.57 -19.72
CA MET A 398 -13.40 -35.54 -20.16
C MET A 398 -13.35 -35.47 -21.68
N SER A 399 -12.16 -35.27 -22.24
CA SER A 399 -12.03 -35.13 -23.69
C SER A 399 -10.71 -35.60 -24.33
N VAL A 400 -10.62 -35.42 -25.64
CA VAL A 400 -9.45 -35.75 -26.43
C VAL A 400 -9.54 -34.98 -27.74
N GLU A 401 -8.44 -34.36 -28.14
CA GLU A 401 -8.38 -33.58 -29.39
C GLU A 401 -7.01 -33.77 -30.03
N ARG A 402 -6.74 -33.06 -31.13
CA ARG A 402 -5.46 -33.19 -31.82
C ARG A 402 -5.34 -32.28 -33.07
N THR A 403 -4.16 -31.69 -33.26
CA THR A 403 -3.92 -30.83 -34.42
C THR A 403 -3.22 -31.66 -35.50
N PHE A 404 -3.07 -31.12 -36.70
CA PHE A 404 -2.43 -31.88 -37.79
C PHE A 404 -2.24 -31.01 -39.02
N SER A 405 -2.19 -31.66 -40.17
CA SER A 405 -2.02 -30.95 -41.44
C SER A 405 -3.42 -30.69 -41.99
N GLU A 406 -3.60 -29.54 -42.62
CA GLU A 406 -4.91 -29.20 -43.14
C GLU A 406 -5.64 -30.43 -43.65
N ILE A 407 -6.81 -30.69 -43.07
CA ILE A 407 -7.64 -31.81 -43.50
C ILE A 407 -8.92 -31.14 -43.93
N ASN A 408 -9.03 -30.88 -45.23
CA ASN A 408 -10.19 -30.23 -45.82
C ASN A 408 -11.09 -31.21 -46.57
N LYS A 409 -10.53 -32.38 -46.85
CA LYS A 409 -11.27 -33.41 -47.57
C LYS A 409 -12.51 -33.92 -46.83
N ALA A 410 -13.67 -33.61 -47.41
CA ALA A 410 -14.99 -33.98 -46.91
C ALA A 410 -15.01 -35.27 -46.09
N GLU A 411 -14.89 -36.39 -46.79
CA GLU A 411 -14.89 -37.72 -46.19
C GLU A 411 -13.96 -37.85 -45.00
N GLU A 412 -12.68 -37.61 -45.25
CA GLU A 412 -11.63 -37.70 -44.24
C GLU A 412 -12.05 -37.18 -42.87
N GLN A 413 -12.88 -36.14 -42.82
CA GLN A 413 -13.34 -35.58 -41.55
C GLN A 413 -13.98 -36.61 -40.64
N TYR A 414 -15.16 -37.09 -41.02
CA TYR A 414 -15.85 -38.08 -40.22
C TYR A 414 -14.86 -39.18 -39.85
N SER A 415 -13.99 -39.52 -40.80
CA SER A 415 -12.97 -40.55 -40.63
C SER A 415 -12.23 -40.40 -39.31
N LEU A 416 -11.46 -39.32 -39.17
CA LEU A 416 -10.69 -39.07 -37.94
C LEU A 416 -11.67 -38.98 -36.76
N CYS A 417 -12.82 -38.33 -36.98
CA CYS A 417 -13.84 -38.18 -35.97
C CYS A 417 -14.17 -39.56 -35.39
N GLN A 418 -14.19 -40.56 -36.26
CA GLN A 418 -14.45 -41.94 -35.87
C GLN A 418 -13.41 -42.31 -34.83
N GLU A 419 -12.15 -42.29 -35.28
CA GLU A 419 -11.00 -42.61 -34.46
C GLU A 419 -11.08 -41.88 -33.12
N LEU A 420 -11.37 -40.58 -33.16
CA LEU A 420 -11.49 -39.78 -31.93
C LEU A 420 -12.49 -40.42 -30.97
N CYS A 421 -13.78 -40.18 -31.22
CA CYS A 421 -14.83 -40.74 -30.38
C CYS A 421 -14.42 -42.07 -29.79
N SER A 422 -13.78 -42.90 -30.61
CA SER A 422 -13.30 -44.19 -30.16
C SER A 422 -12.43 -43.97 -28.93
N GLU A 423 -11.31 -43.27 -29.11
CA GLU A 423 -10.38 -42.96 -28.02
C GLU A 423 -11.13 -42.41 -26.80
N LEU A 424 -12.04 -41.47 -27.06
CA LEU A 424 -12.82 -40.86 -26.00
C LEU A 424 -13.47 -41.91 -25.13
N ALA A 425 -14.35 -42.69 -25.74
CA ALA A 425 -15.02 -43.74 -25.01
C ALA A 425 -13.95 -44.65 -24.43
N GLN A 426 -13.03 -45.07 -25.29
CA GLN A 426 -11.93 -45.95 -24.90
C GLN A 426 -11.42 -45.53 -23.52
N ASP A 427 -10.72 -44.39 -23.46
CA ASP A 427 -10.18 -43.87 -22.19
C ASP A 427 -11.32 -43.76 -21.14
N LEU A 428 -12.51 -43.36 -21.59
CA LEU A 428 -13.67 -43.18 -20.73
C LEU A 428 -14.27 -44.51 -20.28
N GLN A 429 -13.44 -45.43 -19.81
CA GLN A 429 -13.97 -46.70 -19.40
C GLN A 429 -13.36 -47.15 -18.09
N LYS A 430 -12.05 -46.94 -17.95
CA LYS A 430 -11.32 -47.31 -16.73
C LYS A 430 -12.21 -46.89 -15.56
N GLU A 431 -12.45 -45.59 -15.45
CA GLU A 431 -13.36 -45.06 -14.44
C GLU A 431 -14.66 -45.30 -15.19
N ARG A 432 -15.64 -45.90 -14.53
CA ARG A 432 -16.87 -46.12 -15.26
C ARG A 432 -17.81 -44.94 -15.10
N LEU A 433 -17.88 -44.11 -16.15
CA LEU A 433 -18.73 -42.93 -16.13
C LEU A 433 -19.55 -42.89 -17.42
N LYS A 434 -20.58 -42.04 -17.42
CA LYS A 434 -21.47 -41.85 -18.58
C LYS A 434 -22.15 -40.47 -18.50
N GLY A 435 -21.93 -39.62 -19.51
CA GLY A 435 -22.52 -38.29 -19.49
C GLY A 435 -23.69 -38.12 -20.44
N ARG A 436 -24.41 -36.98 -20.37
CA ARG A 436 -25.56 -36.74 -21.26
C ARG A 436 -25.48 -35.51 -22.17
N THR A 437 -24.28 -35.19 -22.63
CA THR A 437 -24.05 -34.08 -23.55
C THR A 437 -22.65 -34.14 -24.17
N VAL A 438 -22.63 -34.20 -25.49
CA VAL A 438 -21.40 -34.28 -26.26
C VAL A 438 -21.01 -32.92 -26.83
N THR A 439 -19.71 -32.70 -26.94
CA THR A 439 -19.19 -31.44 -27.45
C THR A 439 -18.06 -31.71 -28.45
N ILE A 440 -18.23 -31.17 -29.65
CA ILE A 440 -17.24 -31.32 -30.71
C ILE A 440 -16.52 -29.97 -30.91
N LYS A 441 -15.21 -30.01 -31.18
CA LYS A 441 -14.49 -28.75 -31.37
C LYS A 441 -13.76 -28.71 -32.71
N LEU A 442 -14.13 -27.71 -33.52
CA LEU A 442 -13.52 -27.54 -34.84
C LEU A 442 -12.69 -26.27 -34.89
N LYS A 443 -11.38 -26.43 -35.09
CA LYS A 443 -10.46 -25.29 -35.15
C LYS A 443 -10.05 -25.04 -36.61
N ASN A 444 -10.46 -23.88 -37.11
CA ASN A 444 -10.19 -23.46 -38.47
C ASN A 444 -8.68 -23.40 -38.78
N VAL A 445 -8.33 -23.39 -40.06
CA VAL A 445 -6.92 -23.32 -40.46
C VAL A 445 -6.28 -22.04 -39.99
N ASN A 446 -7.12 -21.07 -39.60
CA ASN A 446 -6.64 -19.78 -39.12
C ASN A 446 -6.96 -19.59 -37.64
N PHE A 447 -6.83 -20.69 -36.91
CA PHE A 447 -7.04 -20.74 -35.47
C PHE A 447 -8.34 -20.16 -34.93
N GLU A 448 -9.40 -20.22 -35.74
CA GLU A 448 -10.68 -19.74 -35.28
C GLU A 448 -11.39 -20.98 -34.78
N VAL A 449 -11.74 -20.98 -33.50
CA VAL A 449 -12.42 -22.13 -32.93
C VAL A 449 -13.91 -21.95 -33.07
N LYS A 450 -14.63 -23.03 -32.81
CA LYS A 450 -16.08 -23.04 -32.83
C LYS A 450 -16.36 -24.37 -32.17
N THR A 451 -17.29 -24.37 -31.22
CA THR A 451 -17.63 -25.59 -30.51
C THR A 451 -19.12 -25.80 -30.42
N ARG A 452 -19.59 -26.93 -30.97
CA ARG A 452 -21.00 -27.28 -30.95
C ARG A 452 -21.17 -28.47 -30.04
N ALA A 453 -22.29 -28.50 -29.35
CA ALA A 453 -22.57 -29.59 -28.45
C ALA A 453 -24.07 -29.68 -28.37
N SER A 454 -24.57 -30.90 -28.18
CA SER A 454 -26.00 -31.16 -28.07
C SER A 454 -26.27 -32.06 -26.86
N THR A 455 -27.34 -31.76 -26.13
CA THR A 455 -27.70 -32.53 -24.95
C THR A 455 -28.64 -33.69 -25.31
N VAL A 456 -28.71 -34.70 -24.44
CA VAL A 456 -29.56 -35.86 -24.69
C VAL A 456 -30.45 -36.24 -23.49
N SER A 457 -31.04 -37.43 -23.55
CA SER A 457 -31.90 -37.95 -22.49
C SER A 457 -31.17 -39.15 -21.87
N SER A 458 -30.37 -39.81 -22.70
CA SER A 458 -29.60 -40.99 -22.29
C SER A 458 -28.50 -40.65 -21.28
N VAL A 459 -27.48 -41.50 -21.31
CA VAL A 459 -26.31 -41.39 -20.45
C VAL A 459 -25.14 -41.91 -21.29
N VAL A 460 -25.35 -41.94 -22.61
CA VAL A 460 -24.39 -42.41 -23.62
C VAL A 460 -23.01 -42.78 -23.10
N SER A 461 -22.49 -43.95 -23.51
CA SER A 461 -21.18 -44.40 -23.04
C SER A 461 -20.27 -45.05 -24.07
N THR A 462 -20.80 -46.00 -24.84
CA THR A 462 -20.00 -46.72 -25.83
C THR A 462 -19.55 -45.91 -27.04
N ALA A 463 -18.37 -46.22 -27.53
CA ALA A 463 -17.78 -45.53 -28.67
C ALA A 463 -18.85 -45.28 -29.74
N GLU A 464 -19.69 -46.28 -29.96
CA GLU A 464 -20.74 -46.15 -30.95
C GLU A 464 -21.63 -44.97 -30.60
N GLU A 465 -22.39 -45.12 -29.51
CA GLU A 465 -23.33 -44.10 -29.03
C GLU A 465 -22.85 -42.68 -29.27
N ILE A 466 -21.59 -42.42 -28.94
CA ILE A 466 -20.99 -41.09 -29.08
C ILE A 466 -20.91 -40.56 -30.51
N PHE A 467 -20.25 -41.31 -31.39
CA PHE A 467 -20.12 -40.88 -32.76
C PHE A 467 -21.49 -40.54 -33.30
N ALA A 468 -22.44 -41.41 -33.00
CA ALA A 468 -23.82 -41.26 -33.42
C ALA A 468 -24.24 -39.78 -33.41
N ILE A 469 -23.93 -39.09 -32.32
CA ILE A 469 -24.30 -37.68 -32.17
C ILE A 469 -23.32 -36.77 -32.88
N ALA A 470 -22.05 -36.90 -32.49
CA ALA A 470 -20.95 -36.11 -33.03
C ALA A 470 -20.97 -35.94 -34.55
N LYS A 471 -21.29 -37.01 -35.27
CA LYS A 471 -21.32 -36.93 -36.72
C LYS A 471 -22.30 -35.86 -37.21
N GLU A 472 -23.48 -35.79 -36.59
CA GLU A 472 -24.47 -34.81 -37.00
C GLU A 472 -23.96 -33.39 -36.80
N LEU A 473 -23.59 -33.08 -35.56
CA LEU A 473 -23.10 -31.75 -35.22
C LEU A 473 -22.02 -31.33 -36.22
N LEU A 474 -21.20 -32.30 -36.63
CA LEU A 474 -20.12 -32.07 -37.57
C LEU A 474 -20.71 -31.77 -38.95
N LYS A 475 -21.72 -32.54 -39.30
CA LYS A 475 -22.42 -32.42 -40.57
C LYS A 475 -23.04 -31.03 -40.64
N THR A 476 -23.82 -30.70 -39.61
CA THR A 476 -24.49 -29.40 -39.52
C THR A 476 -23.61 -28.25 -40.01
N GLU A 477 -22.31 -28.33 -39.71
CA GLU A 477 -21.34 -27.30 -40.09
C GLU A 477 -20.94 -27.35 -41.56
N ILE A 478 -20.71 -28.57 -42.03
CA ILE A 478 -20.30 -28.77 -43.41
C ILE A 478 -21.37 -28.23 -44.35
N ASP A 479 -22.61 -28.23 -43.87
CA ASP A 479 -23.74 -27.75 -44.64
C ASP A 479 -23.78 -26.24 -44.51
N ALA A 480 -23.75 -25.77 -43.27
CA ALA A 480 -23.80 -24.35 -42.99
C ALA A 480 -22.78 -23.61 -43.84
N ASP A 481 -21.64 -24.28 -44.06
CA ASP A 481 -20.56 -23.71 -44.85
C ASP A 481 -20.41 -24.51 -46.16
N PHE A 482 -21.43 -25.31 -46.48
CA PHE A 482 -21.41 -26.09 -47.71
C PHE A 482 -21.27 -25.06 -48.86
N PRO A 483 -20.67 -25.48 -49.97
CA PRO A 483 -20.04 -25.79 -51.25
C PRO A 483 -18.58 -25.41 -51.10
N HIS A 484 -18.26 -24.88 -49.92
CA HIS A 484 -16.90 -24.50 -49.56
C HIS A 484 -16.49 -25.52 -48.52
N PRO A 485 -15.32 -26.15 -48.69
CA PRO A 485 -14.87 -27.17 -47.73
C PRO A 485 -14.47 -26.57 -46.39
N LEU A 486 -14.45 -27.40 -45.37
CA LEU A 486 -14.06 -26.94 -44.06
C LEU A 486 -12.58 -27.24 -43.91
N ARG A 487 -11.77 -26.19 -43.99
CA ARG A 487 -10.34 -26.32 -43.85
C ARG A 487 -9.98 -26.35 -42.37
N LEU A 488 -9.93 -27.56 -41.83
CA LEU A 488 -9.62 -27.75 -40.41
C LEU A 488 -8.16 -27.91 -40.10
N ARG A 489 -7.82 -27.57 -38.86
CA ARG A 489 -6.48 -27.62 -38.34
C ARG A 489 -6.45 -28.49 -37.11
N LEU A 490 -7.60 -28.60 -36.47
CA LEU A 490 -7.76 -29.38 -35.26
C LEU A 490 -9.22 -29.77 -35.11
N MET A 491 -9.46 -30.91 -34.48
CA MET A 491 -10.81 -31.37 -34.24
C MET A 491 -10.83 -31.99 -32.84
N GLY A 492 -11.99 -32.00 -32.18
CA GLY A 492 -12.03 -32.57 -30.85
C GLY A 492 -13.42 -32.98 -30.43
N VAL A 493 -13.49 -33.89 -29.45
CA VAL A 493 -14.75 -34.38 -28.93
C VAL A 493 -14.67 -34.52 -27.40
N ARG A 494 -15.44 -33.71 -26.70
CA ARG A 494 -15.45 -33.70 -25.25
C ARG A 494 -16.80 -34.16 -24.70
N ILE A 495 -16.77 -35.15 -23.79
CA ILE A 495 -18.01 -35.66 -23.19
C ILE A 495 -18.17 -35.15 -21.77
N SER A 496 -19.37 -34.66 -21.46
CA SER A 496 -19.64 -34.11 -20.14
C SER A 496 -21.07 -34.40 -19.70
N SER A 497 -21.49 -33.68 -18.66
CA SER A 497 -22.83 -33.85 -18.11
C SER A 497 -22.98 -35.25 -17.54
N PHE A 498 -22.19 -35.55 -16.52
CA PHE A 498 -22.24 -36.85 -15.85
C PHE A 498 -23.24 -36.74 -14.72
N PRO A 499 -24.00 -37.80 -14.45
CA PRO A 499 -24.96 -37.67 -13.35
C PRO A 499 -24.24 -37.54 -12.03
N ASN A 500 -22.99 -38.01 -12.01
CA ASN A 500 -22.14 -38.00 -10.81
C ASN A 500 -23.01 -38.38 -9.60
N GLU A 501 -23.91 -39.32 -9.85
CA GLU A 501 -24.83 -39.84 -8.84
C GLU A 501 -25.88 -38.83 -8.38
N GLU A 502 -27.14 -39.21 -8.53
CA GLU A 502 -28.25 -38.39 -8.13
C GLU A 502 -28.84 -38.93 -6.82
N ASP A 503 -28.03 -39.15 -5.88
N LYS B 15 25.52 16.38 1.15
CA LYS B 15 26.35 15.47 2.01
C LYS B 15 25.88 15.42 3.47
N GLU B 16 25.36 14.27 3.88
CA GLU B 16 24.90 14.09 5.24
C GLU B 16 26.08 13.84 6.15
N LYS B 17 27.23 14.35 5.70
CA LYS B 17 28.47 14.29 6.43
C LYS B 17 28.32 15.41 7.47
N ILE B 18 27.24 16.17 7.27
CA ILE B 18 26.88 17.29 8.14
C ILE B 18 26.49 16.76 9.52
N ASN B 19 26.17 15.47 9.59
CA ASN B 19 25.81 14.88 10.87
C ASN B 19 27.08 14.86 11.70
N LYS B 20 28.21 14.81 11.02
CA LYS B 20 29.52 14.79 11.68
C LYS B 20 29.81 16.12 12.36
N ILE B 21 29.43 17.22 11.72
CA ILE B 21 29.67 18.56 12.27
C ILE B 21 28.84 18.76 13.53
N ILE B 22 27.52 18.76 13.35
CA ILE B 22 26.57 18.94 14.44
C ILE B 22 26.90 18.05 15.63
N MET B 23 26.38 16.82 15.60
CA MET B 23 26.58 15.85 16.67
C MET B 23 27.97 15.84 17.28
N GLU B 24 28.95 16.38 16.56
CA GLU B 24 30.32 16.45 17.06
C GLU B 24 30.48 17.64 18.00
N ALA B 25 30.28 18.85 17.47
CA ALA B 25 30.40 20.04 18.29
C ALA B 25 29.25 20.08 19.31
N THR B 26 28.29 19.18 19.13
CA THR B 26 27.14 19.07 20.03
C THR B 26 27.61 18.33 21.27
N LYS B 27 28.57 17.42 21.04
CA LYS B 27 29.20 16.61 22.09
C LYS B 27 28.25 16.25 23.23
N GLY B 28 28.75 16.41 24.45
CA GLY B 28 27.97 16.14 25.63
C GLY B 28 27.84 17.46 26.34
N SER B 29 27.07 18.37 25.73
CA SER B 29 26.83 19.69 26.30
C SER B 29 25.81 19.51 27.43
N ARG B 30 25.76 20.46 28.37
CA ARG B 30 24.82 20.34 29.47
C ARG B 30 23.43 20.21 28.85
N PHE B 31 23.41 20.39 27.54
CA PHE B 31 22.20 20.29 26.73
C PHE B 31 21.96 18.86 26.24
N TYR B 32 22.98 18.27 25.60
CA TYR B 32 22.84 16.91 25.10
C TYR B 32 22.42 16.02 26.26
N GLY B 33 23.01 16.28 27.42
CA GLY B 33 22.69 15.50 28.59
C GLY B 33 21.20 15.28 28.72
N ASN B 34 20.43 16.35 28.59
CA ASN B 34 18.99 16.26 28.71
C ASN B 34 18.34 15.81 27.41
N GLU B 35 19.12 15.76 26.33
CA GLU B 35 18.58 15.30 25.06
C GLU B 35 18.62 13.79 25.02
N LEU B 36 19.57 13.19 25.74
CA LEU B 36 19.70 11.74 25.81
C LEU B 36 18.77 11.24 26.90
N LYS B 37 18.82 11.88 28.06
CA LYS B 37 17.98 11.47 29.17
C LYS B 37 16.52 11.61 28.78
N LYS B 38 16.29 12.23 27.63
CA LYS B 38 14.93 12.42 27.14
C LYS B 38 14.57 11.21 26.30
N GLU B 39 15.35 11.00 25.24
CA GLU B 39 15.15 9.87 24.34
C GLU B 39 15.00 8.58 25.14
N LYS B 40 15.70 8.50 26.26
CA LYS B 40 15.66 7.32 27.10
C LYS B 40 14.27 7.03 27.63
N GLN B 41 13.53 8.08 27.96
CA GLN B 41 12.18 7.88 28.46
C GLN B 41 11.27 7.43 27.31
N VAL B 42 11.51 7.97 26.12
CA VAL B 42 10.72 7.62 24.93
C VAL B 42 10.79 6.11 24.67
N ASN B 43 12.01 5.61 24.49
CA ASN B 43 12.22 4.19 24.24
C ASN B 43 11.57 3.31 25.31
N GLN B 44 11.24 3.92 26.44
CA GLN B 44 10.60 3.18 27.53
C GLN B 44 9.11 3.08 27.24
N ARG B 45 8.52 4.20 26.84
CA ARG B 45 7.10 4.21 26.50
C ARG B 45 6.89 3.24 25.33
N ILE B 46 7.90 3.16 24.46
CA ILE B 46 7.89 2.28 23.30
C ILE B 46 7.92 0.84 23.77
N GLU B 47 8.96 0.50 24.52
CA GLU B 47 9.07 -0.84 25.06
C GLU B 47 7.74 -1.16 25.77
N ASN B 48 7.37 -0.32 26.74
CA ASN B 48 6.14 -0.50 27.50
C ASN B 48 5.00 -0.89 26.58
N MET B 49 4.98 -0.28 25.40
CA MET B 49 3.95 -0.57 24.41
C MET B 49 4.11 -1.96 23.82
N MET B 50 5.24 -2.21 23.15
CA MET B 50 5.50 -3.49 22.53
C MET B 50 5.05 -4.63 23.43
N GLN B 51 5.22 -4.45 24.74
CA GLN B 51 4.80 -5.47 25.70
C GLN B 51 3.31 -5.67 25.61
N GLN B 52 2.56 -4.66 26.04
CA GLN B 52 1.11 -4.75 26.00
C GLN B 52 0.63 -5.33 24.66
N LYS B 53 1.43 -5.15 23.61
CA LYS B 53 1.09 -5.66 22.29
C LYS B 53 1.12 -7.17 22.39
N ALA B 54 2.33 -7.72 22.47
CA ALA B 54 2.50 -9.16 22.57
C ALA B 54 1.91 -9.65 23.89
N GLN B 55 0.61 -9.50 24.02
CA GLN B 55 -0.09 -9.92 25.23
C GLN B 55 -1.59 -9.72 25.08
N ILE B 56 -2.02 -9.51 23.84
CA ILE B 56 -3.42 -9.30 23.52
C ILE B 56 -3.91 -10.55 22.81
N THR B 57 -4.82 -11.27 23.44
CA THR B 57 -5.35 -12.49 22.83
C THR B 57 -5.60 -12.24 21.35
N SER B 58 -5.21 -13.18 20.50
CA SER B 58 -5.42 -13.00 19.07
C SER B 58 -6.90 -12.85 18.78
N GLN B 59 -7.72 -13.49 19.61
CA GLN B 59 -9.16 -13.39 19.47
C GLN B 59 -9.63 -11.98 19.85
N GLN B 60 -8.77 -11.25 20.54
CA GLN B 60 -9.06 -9.89 20.96
C GLN B 60 -8.98 -8.98 19.75
N LEU B 61 -7.93 -9.18 18.96
CA LEU B 61 -7.74 -8.37 17.78
C LEU B 61 -8.95 -8.50 16.91
N ARG B 62 -9.55 -9.68 16.89
CA ARG B 62 -10.74 -9.87 16.07
C ARG B 62 -11.88 -9.04 16.63
N LYS B 63 -11.95 -8.93 17.97
CA LYS B 63 -13.00 -8.14 18.58
C LYS B 63 -12.87 -6.68 18.13
N ALA B 64 -11.70 -6.09 18.33
CA ALA B 64 -11.47 -4.69 17.93
C ALA B 64 -11.58 -4.55 16.41
N GLN B 65 -10.95 -5.45 15.68
CA GLN B 65 -10.99 -5.41 14.23
C GLN B 65 -12.41 -5.29 13.73
N LEU B 66 -13.38 -5.64 14.56
CA LEU B 66 -14.78 -5.51 14.14
C LEU B 66 -15.15 -4.07 14.39
N GLN B 67 -15.06 -3.68 15.64
CA GLN B 67 -15.38 -2.33 16.03
C GLN B 67 -14.80 -1.30 15.09
N VAL B 68 -13.47 -1.25 15.03
CA VAL B 68 -12.81 -0.29 14.18
C VAL B 68 -13.29 -0.37 12.75
N ASP B 69 -13.40 -1.57 12.19
CA ASP B 69 -13.86 -1.69 10.82
C ASP B 69 -15.16 -0.93 10.70
N ARG B 70 -16.07 -1.21 11.64
CA ARG B 70 -17.39 -0.58 11.68
C ARG B 70 -17.33 0.94 11.65
N PHE B 71 -16.93 1.54 12.76
CA PHE B 71 -16.80 2.98 12.87
C PHE B 71 -16.23 3.60 11.59
N ALA B 72 -15.32 2.88 10.94
CA ALA B 72 -14.70 3.33 9.70
C ALA B 72 -15.74 3.43 8.60
N MET B 73 -16.48 2.35 8.44
CA MET B 73 -17.53 2.25 7.45
C MET B 73 -18.38 3.51 7.47
N GLU B 74 -18.70 3.97 8.68
CA GLU B 74 -19.51 5.17 8.88
C GLU B 74 -18.85 6.39 8.27
N LEU B 75 -17.67 6.73 8.78
CA LEU B 75 -16.92 7.87 8.28
C LEU B 75 -16.93 7.88 6.77
N GLU B 76 -16.65 6.73 6.19
CA GLU B 76 -16.60 6.56 4.75
C GLU B 76 -17.89 7.07 4.13
N GLN B 77 -18.99 6.92 4.87
CA GLN B 77 -20.31 7.37 4.42
C GLN B 77 -20.41 8.89 4.55
N SER B 78 -20.10 9.43 5.74
CA SER B 78 -20.16 10.87 5.95
C SER B 78 -18.87 11.58 5.51
N ARG B 79 -18.38 11.18 4.33
CA ARG B 79 -17.19 11.77 3.77
C ARG B 79 -17.55 12.97 2.92
N ASN B 80 -17.16 14.17 3.34
CA ASN B 80 -17.44 15.41 2.61
C ASN B 80 -16.43 15.73 1.55
N LEU B 81 -16.89 15.94 0.34
CA LEU B 81 -15.99 16.27 -0.74
C LEU B 81 -16.49 17.51 -1.44
N SER B 82 -17.58 18.07 -0.90
CA SER B 82 -18.19 19.28 -1.47
C SER B 82 -17.26 20.50 -1.47
N ASN B 83 -16.81 20.88 -0.28
CA ASN B 83 -15.93 22.02 -0.14
C ASN B 83 -14.67 21.83 -0.98
N THR B 84 -13.94 22.91 -1.11
CA THR B 84 -12.69 22.94 -1.85
C THR B 84 -11.87 23.86 -0.94
N ILE B 85 -10.64 23.47 -0.60
CA ILE B 85 -9.83 24.29 0.30
C ILE B 85 -8.40 24.55 -0.14
N VAL B 86 -7.86 25.68 0.28
CA VAL B 86 -6.51 26.05 -0.07
C VAL B 86 -5.70 26.43 1.14
N HIS B 87 -4.43 26.11 1.07
CA HIS B 87 -3.52 26.42 2.12
C HIS B 87 -2.33 27.08 1.45
N ILE B 88 -2.03 28.32 1.87
CA ILE B 88 -0.92 29.09 1.29
C ILE B 88 0.20 29.36 2.27
N ASP B 89 1.42 28.94 1.90
CA ASP B 89 2.61 29.14 2.73
C ASP B 89 3.66 29.96 1.98
N MET B 90 4.00 31.10 2.54
CA MET B 90 4.98 31.98 1.92
C MET B 90 6.35 31.34 1.89
N ASP B 91 6.91 31.18 0.70
CA ASP B 91 8.25 30.59 0.57
C ASP B 91 9.28 31.39 1.37
N ALA B 92 9.98 30.72 2.29
CA ALA B 92 11.00 31.39 3.12
C ALA B 92 10.39 32.46 4.03
N PHE B 93 9.78 33.46 3.39
CA PHE B 93 9.14 34.58 4.07
C PHE B 93 10.06 35.45 4.90
N TYR B 94 10.28 35.07 6.16
CA TYR B 94 11.16 35.86 7.02
C TYR B 94 12.44 36.21 6.29
N ALA B 95 13.06 35.20 5.69
CA ALA B 95 14.29 35.43 4.94
C ALA B 95 14.02 36.19 3.64
N ALA B 96 13.04 35.71 2.87
CA ALA B 96 12.71 36.34 1.60
C ALA B 96 12.23 37.78 1.76
N VAL B 97 12.10 38.24 2.99
CA VAL B 97 11.67 39.61 3.22
C VAL B 97 12.90 40.52 3.29
N GLU B 98 13.75 40.38 4.31
CA GLU B 98 14.93 41.23 4.39
C GLU B 98 15.90 40.93 3.26
N MET B 99 15.61 39.90 2.49
CA MET B 99 16.48 39.51 1.38
C MET B 99 16.05 40.16 0.06
N ARG B 100 14.81 39.92 -0.34
CA ARG B 100 14.28 40.48 -1.59
C ARG B 100 13.86 41.92 -1.35
N ASP B 101 14.04 42.40 -0.12
CA ASP B 101 13.72 43.78 0.25
C ASP B 101 14.86 44.32 1.13
N ASN B 102 16.05 44.37 0.53
CA ASN B 102 17.29 44.84 1.17
C ASN B 102 18.48 44.09 0.56
N PRO B 103 18.52 44.01 -0.79
CA PRO B 103 19.53 43.36 -1.63
C PRO B 103 20.94 43.14 -1.09
N GLU B 104 21.71 42.45 -1.92
CA GLU B 104 23.10 42.06 -1.65
C GLU B 104 23.05 40.61 -1.17
N LEU B 105 22.01 40.31 -0.40
CA LEU B 105 21.78 38.99 0.17
C LEU B 105 21.08 38.11 -0.87
N LYS B 106 20.33 38.74 -1.77
CA LYS B 106 19.63 38.03 -2.84
C LYS B 106 20.70 37.41 -3.72
N ASP B 107 21.90 37.28 -3.14
CA ASP B 107 23.08 36.72 -3.78
C ASP B 107 23.53 35.47 -3.07
N LYS B 108 23.95 35.62 -1.82
CA LYS B 108 24.43 34.48 -1.06
C LYS B 108 23.86 34.29 0.35
N PRO B 109 23.88 33.03 0.84
CA PRO B 109 23.45 32.47 2.12
C PRO B 109 23.15 33.39 3.31
N ILE B 110 21.89 33.37 3.74
CA ILE B 110 21.39 34.19 4.85
C ILE B 110 21.00 33.36 6.08
N ALA B 111 19.89 33.76 6.71
CA ALA B 111 19.31 33.13 7.92
C ALA B 111 18.72 34.22 8.80
N VAL B 112 17.44 34.10 9.15
CA VAL B 112 16.76 35.09 9.99
C VAL B 112 16.65 34.68 11.44
N GLY B 113 17.45 35.28 12.31
CA GLY B 113 17.38 34.93 13.72
C GLY B 113 18.45 35.61 14.53
N SER B 114 19.00 34.89 15.50
CA SER B 114 20.07 35.43 16.34
C SER B 114 21.28 34.51 16.24
N MET B 115 22.01 34.42 17.34
CA MET B 115 23.18 33.56 17.39
C MET B 115 22.81 32.43 18.32
N SER B 116 21.84 32.68 19.20
CA SER B 116 21.43 31.68 20.15
C SER B 116 20.26 30.83 19.65
N MET B 117 19.80 31.12 18.44
CA MET B 117 18.67 30.40 17.83
C MET B 117 18.31 31.04 16.51
N LEU B 118 17.66 30.29 15.62
CA LEU B 118 17.27 30.84 14.34
C LEU B 118 15.78 30.64 14.10
N SER B 119 15.17 31.49 13.28
CA SER B 119 13.75 31.40 13.00
C SER B 119 13.46 30.94 11.59
N THR B 120 14.41 31.18 10.69
CA THR B 120 14.25 30.80 9.29
C THR B 120 15.60 30.81 8.59
N SER B 121 15.62 30.26 7.39
CA SER B 121 16.82 30.19 6.60
C SER B 121 16.45 30.47 5.17
N ASN B 122 17.44 30.78 4.35
CA ASN B 122 17.17 31.04 2.95
C ASN B 122 17.38 29.76 2.15
N TYR B 123 16.73 29.69 0.99
CA TYR B 123 16.81 28.52 0.11
C TYR B 123 18.21 28.00 -0.15
N HIS B 124 19.04 28.77 -0.84
CA HIS B 124 20.42 28.34 -1.11
C HIS B 124 21.41 28.74 0.00
N ALA B 125 20.87 28.86 1.20
CA ALA B 125 21.63 29.19 2.41
C ALA B 125 21.46 27.89 3.16
N ARG B 126 20.28 27.32 2.98
CA ARG B 126 19.89 26.06 3.58
C ARG B 126 20.72 24.92 3.02
N ARG B 127 21.22 25.10 1.80
CA ARG B 127 22.02 24.08 1.12
C ARG B 127 23.14 23.53 2.00
N PHE B 128 23.53 24.30 3.02
CA PHE B 128 24.61 23.89 3.91
C PHE B 128 24.10 23.27 5.20
N GLY B 129 22.79 23.12 5.30
CA GLY B 129 22.22 22.53 6.48
C GLY B 129 21.66 23.57 7.41
N VAL B 130 21.63 24.82 6.96
CA VAL B 130 21.10 25.89 7.79
C VAL B 130 19.59 25.76 7.83
N ARG B 131 19.10 24.74 8.54
CA ARG B 131 17.67 24.50 8.65
C ARG B 131 17.10 25.36 9.76
N ALA B 132 15.88 25.86 9.56
CA ALA B 132 15.23 26.69 10.56
C ALA B 132 15.32 25.98 11.93
N ALA B 133 14.80 26.61 12.97
CA ALA B 133 14.82 26.01 14.31
C ALA B 133 16.20 25.44 14.69
N MET B 134 17.27 26.08 14.21
CA MET B 134 18.62 25.64 14.50
C MET B 134 19.42 26.72 15.22
N PRO B 135 20.27 26.33 16.18
CA PRO B 135 21.07 27.33 16.90
C PRO B 135 21.89 28.18 15.94
N GLY B 136 22.43 29.28 16.47
CA GLY B 136 23.25 30.16 15.66
C GLY B 136 24.70 29.71 15.56
N PHE B 137 25.33 29.42 16.70
CA PHE B 137 26.72 28.97 16.70
C PHE B 137 26.92 27.59 16.06
N ILE B 138 25.81 26.96 15.69
CA ILE B 138 25.87 25.66 15.03
C ILE B 138 25.81 25.90 13.53
N ALA B 139 24.85 26.72 13.11
CA ALA B 139 24.68 27.03 11.70
C ALA B 139 25.91 27.77 11.16
N LYS B 140 26.72 28.29 12.06
CA LYS B 140 27.92 29.03 11.70
C LYS B 140 29.06 28.06 11.35
N ARG B 141 29.33 27.10 12.25
CA ARG B 141 30.38 26.12 12.03
C ARG B 141 30.07 25.27 10.80
N LEU B 142 28.82 25.37 10.33
CA LEU B 142 28.37 24.62 9.16
C LEU B 142 28.52 25.49 7.92
N CYS B 143 28.38 26.79 8.10
CA CYS B 143 28.52 27.74 7.01
C CYS B 143 29.07 29.05 7.56
N PRO B 144 30.39 29.23 7.49
CA PRO B 144 31.11 30.41 7.97
C PRO B 144 30.52 31.76 7.55
N GLN B 145 30.06 31.87 6.31
CA GLN B 145 29.46 33.12 5.81
C GLN B 145 27.97 33.23 6.11
N LEU B 146 27.63 33.02 7.38
CA LEU B 146 26.24 33.08 7.83
C LEU B 146 25.88 34.47 8.30
N ILE B 147 25.04 35.12 7.51
CA ILE B 147 24.57 36.47 7.78
C ILE B 147 23.29 36.45 8.64
N ILE B 148 23.42 36.10 9.91
CA ILE B 148 22.26 36.06 10.81
C ILE B 148 21.66 37.45 11.01
N VAL B 149 20.67 37.79 10.20
CA VAL B 149 20.00 39.08 10.27
C VAL B 149 18.98 39.04 11.40
N PRO B 150 18.89 40.12 12.22
CA PRO B 150 17.95 40.16 13.33
C PRO B 150 16.48 40.12 12.90
N PRO B 151 15.60 39.66 13.80
CA PRO B 151 14.16 39.55 13.52
C PRO B 151 13.42 40.87 13.35
N ASN B 152 13.39 41.37 12.10
CA ASN B 152 12.69 42.62 11.75
C ASN B 152 11.19 42.47 12.00
N PHE B 153 10.87 41.49 12.86
CA PHE B 153 9.52 41.12 13.26
C PHE B 153 8.42 42.18 13.09
N ASP B 154 8.80 43.45 13.09
CA ASP B 154 7.80 44.50 12.91
C ASP B 154 7.23 44.47 11.50
N LYS B 155 8.02 44.93 10.53
CA LYS B 155 7.58 44.98 9.13
C LYS B 155 6.99 43.71 8.54
N TYR B 156 7.08 42.59 9.26
CA TYR B 156 6.51 41.34 8.78
C TYR B 156 5.00 41.48 8.89
N ARG B 157 4.52 41.77 10.11
CA ARG B 157 3.10 41.94 10.34
C ARG B 157 2.55 42.90 9.30
N ALA B 158 3.36 43.89 8.95
CA ALA B 158 2.97 44.89 7.96
C ALA B 158 2.89 44.24 6.57
N VAL B 159 3.75 43.25 6.30
CA VAL B 159 3.75 42.57 5.02
C VAL B 159 2.75 41.43 4.97
N SER B 160 2.33 40.95 6.14
CA SER B 160 1.34 39.87 6.20
C SER B 160 -0.02 40.50 5.90
N LYS B 161 -0.37 41.54 6.67
CA LYS B 161 -1.64 42.23 6.47
C LYS B 161 -1.71 42.73 5.03
N GLU B 162 -0.55 42.70 4.36
CA GLU B 162 -0.43 43.13 2.97
C GLU B 162 -0.89 42.00 2.05
N VAL B 163 -0.65 40.76 2.46
CA VAL B 163 -1.09 39.62 1.66
C VAL B 163 -2.46 39.26 2.19
N LYS B 164 -2.66 39.47 3.49
CA LYS B 164 -3.94 39.21 4.13
C LYS B 164 -4.95 40.00 3.31
N GLU B 165 -4.47 41.10 2.75
CA GLU B 165 -5.26 41.99 1.90
C GLU B 165 -5.99 41.16 0.81
N ILE B 166 -5.24 40.84 -0.24
CA ILE B 166 -5.70 40.07 -1.39
C ILE B 166 -6.62 38.94 -0.99
N LEU B 167 -6.44 38.47 0.24
CA LEU B 167 -7.21 37.35 0.76
C LEU B 167 -8.72 37.54 0.83
N ALA B 168 -9.20 38.13 1.92
CA ALA B 168 -10.63 38.35 2.12
C ALA B 168 -11.44 38.37 0.82
N ASP B 169 -10.87 38.95 -0.24
CA ASP B 169 -11.51 39.03 -1.55
C ASP B 169 -12.19 37.71 -1.96
N TYR B 170 -11.38 36.67 -2.18
CA TYR B 170 -11.87 35.37 -2.61
C TYR B 170 -12.68 34.65 -1.53
N ASP B 171 -12.25 34.78 -0.27
CA ASP B 171 -12.96 34.16 0.84
C ASP B 171 -13.17 35.16 1.99
N PRO B 172 -14.44 35.59 2.21
CA PRO B 172 -14.73 36.54 3.28
C PRO B 172 -14.29 35.94 4.60
N ASN B 173 -15.10 35.01 5.10
CA ASN B 173 -14.79 34.33 6.34
C ASN B 173 -13.63 33.36 6.14
N PHE B 174 -12.40 33.88 6.14
CA PHE B 174 -11.24 33.00 5.99
C PHE B 174 -10.58 32.85 7.34
N MET B 175 -9.50 32.08 7.42
CA MET B 175 -8.85 31.89 8.70
C MET B 175 -7.34 31.73 8.61
N ALA B 176 -6.63 32.85 8.56
CA ALA B 176 -5.19 32.80 8.52
C ALA B 176 -4.67 32.05 9.74
N MET B 177 -3.60 31.28 9.55
CA MET B 177 -2.99 30.52 10.63
C MET B 177 -1.91 31.38 11.30
N SER B 178 -0.99 31.87 10.49
CA SER B 178 0.07 32.71 11.02
C SER B 178 0.42 33.77 9.99
N LEU B 179 1.71 34.07 9.90
CA LEU B 179 2.18 35.08 8.98
C LEU B 179 2.50 34.48 7.60
N ASP B 180 2.98 33.24 7.59
CA ASP B 180 3.33 32.57 6.32
C ASP B 180 2.36 31.48 5.88
N GLU B 181 1.11 31.51 6.35
CA GLU B 181 0.11 30.50 5.98
C GLU B 181 -1.33 30.82 6.37
N ALA B 182 -2.27 30.34 5.57
CA ALA B 182 -3.69 30.55 5.85
C ALA B 182 -4.63 29.63 5.05
N TYR B 183 -5.74 29.21 5.68
CA TYR B 183 -6.75 28.32 5.07
C TYR B 183 -7.97 29.14 4.58
N LEU B 184 -8.64 28.63 3.54
CA LEU B 184 -9.80 29.32 3.00
C LEU B 184 -10.77 28.46 2.18
N ASN B 185 -12.06 28.55 2.48
CA ASN B 185 -13.07 27.78 1.77
C ASN B 185 -13.45 28.49 0.48
N ILE B 186 -12.57 28.46 -0.52
CA ILE B 186 -12.84 29.11 -1.79
C ILE B 186 -13.90 28.36 -2.58
N THR B 187 -14.93 27.92 -1.88
CA THR B 187 -16.03 27.18 -2.49
C THR B 187 -17.04 28.14 -3.10
N LYS B 188 -17.41 29.17 -2.33
CA LYS B 188 -18.38 30.14 -2.78
C LYS B 188 -17.88 30.84 -4.03
N HIS B 189 -16.73 31.50 -3.92
CA HIS B 189 -16.16 32.22 -5.06
C HIS B 189 -16.29 31.42 -6.36
N LEU B 190 -16.27 30.10 -6.27
CA LEU B 190 -16.37 29.27 -7.48
C LEU B 190 -17.75 29.20 -8.10
N GLU B 191 -18.78 29.10 -7.26
CA GLU B 191 -20.14 29.05 -7.74
C GLU B 191 -20.46 30.39 -8.42
N GLU B 192 -19.81 31.46 -7.96
CA GLU B 192 -19.99 32.78 -8.55
C GLU B 192 -19.02 32.97 -9.71
N ARG B 193 -17.87 32.31 -9.64
CA ARG B 193 -16.86 32.40 -10.69
C ARG B 193 -17.43 31.69 -11.92
N GLN B 194 -18.69 31.29 -11.80
CA GLN B 194 -19.41 30.62 -12.87
C GLN B 194 -19.22 31.27 -14.25
N ASN B 195 -19.96 32.35 -14.50
CA ASN B 195 -19.90 33.06 -15.78
C ASN B 195 -19.26 34.45 -15.68
N TRP B 196 -18.42 34.66 -14.68
CA TRP B 196 -17.75 35.95 -14.52
C TRP B 196 -17.29 36.45 -15.88
N PRO B 197 -17.41 37.77 -16.13
CA PRO B 197 -16.99 38.37 -17.41
C PRO B 197 -15.49 38.20 -17.67
N GLU B 198 -15.09 38.46 -18.91
CA GLU B 198 -13.68 38.35 -19.29
C GLU B 198 -12.90 39.45 -18.57
N ASP B 199 -13.64 40.43 -18.03
CA ASP B 199 -13.02 41.58 -17.37
C ASP B 199 -12.61 41.48 -15.89
N LYS B 200 -13.48 41.00 -15.02
CA LYS B 200 -13.11 40.90 -13.60
C LYS B 200 -12.14 39.75 -13.33
N ARG B 201 -11.78 39.03 -14.40
CA ARG B 201 -10.79 37.95 -14.35
C ARG B 201 -9.55 38.68 -14.88
N ARG B 202 -9.53 39.94 -14.45
CA ARG B 202 -8.54 40.98 -14.74
C ARG B 202 -7.12 40.65 -14.27
N TYR B 203 -6.73 41.30 -13.17
CA TYR B 203 -5.42 41.14 -12.56
C TYR B 203 -4.34 41.26 -13.64
N PHE B 204 -3.80 42.47 -13.69
CA PHE B 204 -2.84 42.92 -14.69
C PHE B 204 -1.37 43.18 -14.34
N ILE B 205 -0.65 43.58 -15.40
CA ILE B 205 0.77 43.95 -15.43
C ILE B 205 0.99 44.30 -16.91
N ASN B 264 -1.12 44.85 -20.08
CA ASN B 264 -0.32 43.77 -20.62
C ASN B 264 -0.64 42.60 -19.68
N SER B 265 -1.77 42.63 -18.96
CA SER B 265 -2.96 41.79 -19.19
C SER B 265 -2.97 40.42 -18.51
N VAL B 266 -3.44 39.41 -19.25
CA VAL B 266 -3.59 38.00 -18.84
C VAL B 266 -4.90 37.71 -18.08
N VAL B 267 -5.68 36.75 -18.59
CA VAL B 267 -6.96 36.37 -17.99
C VAL B 267 -6.85 35.03 -17.29
N PHE B 268 -7.87 34.68 -16.50
CA PHE B 268 -7.86 33.42 -15.76
C PHE B 268 -9.23 32.71 -15.75
N GLY B 269 -9.22 31.41 -16.03
CA GLY B 269 -10.44 30.64 -16.09
C GLY B 269 -11.28 30.52 -14.82
N THR B 270 -12.14 29.51 -14.79
CA THR B 270 -13.02 29.25 -13.65
C THR B 270 -12.49 28.10 -12.79
N SER B 271 -11.62 27.28 -13.38
CA SER B 271 -11.04 26.14 -12.67
C SER B 271 -10.26 26.57 -11.42
N ALA B 272 -10.68 26.05 -10.28
CA ALA B 272 -10.03 26.37 -9.01
C ALA B 272 -8.53 26.35 -9.16
N GLN B 273 -8.04 25.34 -9.88
CA GLN B 273 -6.62 25.16 -10.15
C GLN B 273 -6.02 26.47 -10.66
N GLU B 274 -6.89 27.34 -11.17
CA GLU B 274 -6.46 28.62 -11.72
C GLU B 274 -6.49 29.76 -10.71
N VAL B 275 -7.57 29.88 -9.92
CA VAL B 275 -7.65 30.95 -8.93
C VAL B 275 -6.42 31.00 -8.02
N VAL B 276 -5.61 29.96 -8.08
CA VAL B 276 -4.38 29.88 -7.29
C VAL B 276 -3.15 30.20 -8.15
N LYS B 277 -3.32 30.10 -9.46
CA LYS B 277 -2.25 30.41 -10.41
C LYS B 277 -2.31 31.94 -10.53
N GLU B 278 -3.44 32.47 -10.03
CA GLU B 278 -3.77 33.90 -10.04
C GLU B 278 -3.36 34.61 -8.75
N ILE B 279 -3.71 34.02 -7.61
CA ILE B 279 -3.38 34.61 -6.33
C ILE B 279 -1.89 34.49 -6.00
N ARG B 280 -1.25 33.47 -6.54
CA ARG B 280 0.19 33.27 -6.32
C ARG B 280 0.86 34.34 -7.18
N PHE B 281 0.03 34.97 -8.02
CA PHE B 281 0.47 36.03 -8.91
C PHE B 281 0.24 37.35 -8.19
N ARG B 282 -1.02 37.60 -7.82
CA ARG B 282 -1.35 38.83 -7.11
C ARG B 282 -0.47 38.97 -5.88
N ILE B 283 -0.20 37.85 -5.22
CA ILE B 283 0.66 37.90 -4.04
C ILE B 283 2.10 38.22 -4.40
N GLU B 284 2.55 37.74 -5.56
CA GLU B 284 3.93 37.98 -6.00
C GLU B 284 4.12 39.37 -6.60
N GLN B 285 3.02 40.08 -6.84
CA GLN B 285 3.10 41.43 -7.40
C GLN B 285 2.97 42.48 -6.29
N LYS B 286 1.91 42.38 -5.48
CA LYS B 286 1.70 43.30 -4.38
C LYS B 286 2.78 43.11 -3.31
N THR B 287 3.88 42.43 -3.67
CA THR B 287 4.99 42.20 -2.74
C THR B 287 6.28 41.70 -3.42
N THR B 288 6.16 40.68 -4.27
CA THR B 288 7.29 40.06 -4.96
C THR B 288 7.86 38.95 -4.09
N LEU B 289 6.98 38.39 -3.28
CA LEU B 289 7.34 37.28 -2.40
C LEU B 289 6.64 36.02 -2.90
N THR B 290 7.44 35.05 -3.33
CA THR B 290 6.92 33.80 -3.82
C THR B 290 6.10 33.11 -2.72
N ALA B 291 5.11 32.34 -3.15
CA ALA B 291 4.26 31.62 -2.21
C ALA B 291 3.80 30.32 -2.86
N SER B 292 3.48 29.31 -2.04
CA SER B 292 3.03 28.01 -2.51
C SER B 292 1.65 27.69 -1.93
N ALA B 293 1.03 26.61 -2.40
CA ALA B 293 -0.27 26.22 -1.90
C ALA B 293 -0.79 24.89 -2.47
N GLY B 294 -1.76 24.31 -1.78
CA GLY B 294 -2.34 23.06 -2.23
C GLY B 294 -3.87 23.09 -2.22
N ILE B 295 -4.50 22.28 -3.07
CA ILE B 295 -5.96 22.23 -3.14
C ILE B 295 -6.46 20.83 -2.75
N ALA B 296 -7.36 20.75 -1.77
CA ALA B 296 -7.88 19.45 -1.32
C ALA B 296 -9.25 19.60 -0.68
N PRO B 297 -10.06 18.54 -0.69
CA PRO B 297 -11.39 18.59 -0.09
C PRO B 297 -11.38 18.76 1.41
N ASN B 298 -10.22 19.10 1.97
CA ASN B 298 -10.10 19.30 3.41
C ASN B 298 -8.78 20.00 3.77
N THR B 299 -8.70 20.47 5.01
CA THR B 299 -7.53 21.19 5.53
C THR B 299 -6.26 20.34 5.68
N MET B 300 -6.42 19.19 6.31
CA MET B 300 -5.32 18.25 6.55
C MET B 300 -4.57 17.94 5.26
N LEU B 301 -5.25 17.36 4.28
CA LEU B 301 -4.63 17.02 3.00
C LEU B 301 -3.99 18.25 2.37
N ALA B 302 -4.78 19.30 2.24
CA ALA B 302 -4.31 20.55 1.65
C ALA B 302 -2.92 20.94 2.18
N LYS B 303 -2.80 21.21 3.47
CA LYS B 303 -1.54 21.61 4.09
C LYS B 303 -0.36 20.81 3.56
N VAL B 304 -0.61 19.54 3.25
CA VAL B 304 0.41 18.64 2.74
C VAL B 304 0.78 18.87 1.29
N CYS B 305 -0.19 19.24 0.47
CA CYS B 305 0.06 19.52 -0.95
C CYS B 305 0.90 20.78 -1.10
N SER B 306 0.56 21.80 -0.31
CA SER B 306 1.28 23.07 -0.34
C SER B 306 2.78 22.83 -0.41
N ASP B 307 3.28 21.82 0.30
CA ASP B 307 4.70 21.52 0.31
C ASP B 307 5.10 20.43 -0.67
N LYS B 308 4.20 20.04 -1.56
CA LYS B 308 4.50 19.02 -2.55
C LYS B 308 5.46 19.67 -3.54
N ASN B 309 5.02 20.78 -4.11
CA ASN B 309 5.80 21.56 -5.06
C ASN B 309 6.20 22.88 -4.37
N LYS B 310 6.71 22.77 -3.14
CA LYS B 310 7.06 23.94 -2.32
C LYS B 310 8.22 24.85 -2.73
N PRO B 311 9.08 24.43 -3.66
CA PRO B 311 10.14 25.40 -3.96
C PRO B 311 9.55 26.75 -4.46
N ASN B 312 8.22 26.77 -4.58
CA ASN B 312 7.40 27.90 -5.03
C ASN B 312 6.45 27.38 -6.12
N GLY B 313 5.55 26.51 -5.72
CA GLY B 313 4.60 25.95 -6.66
C GLY B 313 3.27 25.58 -6.04
N GLN B 314 2.64 24.53 -6.56
CA GLN B 314 1.35 24.11 -6.02
C GLN B 314 0.95 22.70 -6.46
N TYR B 315 -0.08 22.16 -5.81
CA TYR B 315 -0.58 20.83 -6.15
C TYR B 315 -2.05 20.69 -5.80
N GLN B 316 -2.79 20.00 -6.66
CA GLN B 316 -4.21 19.80 -6.44
C GLN B 316 -4.62 18.34 -6.30
N ILE B 317 -5.85 18.12 -5.86
CA ILE B 317 -6.43 16.80 -5.67
C ILE B 317 -7.93 16.96 -5.86
N LEU B 318 -8.46 16.43 -6.96
CA LEU B 318 -9.88 16.53 -7.28
C LEU B 318 -10.74 15.80 -6.26
N PRO B 319 -12.04 16.12 -6.18
CA PRO B 319 -13.02 15.53 -5.25
C PRO B 319 -13.33 14.03 -5.31
N ASN B 320 -12.91 13.33 -6.35
CA ASN B 320 -13.22 11.91 -6.42
C ASN B 320 -12.48 11.13 -5.34
N ARG B 321 -13.23 10.32 -4.62
CA ARG B 321 -12.66 9.49 -3.56
C ARG B 321 -11.27 8.97 -3.94
N GLN B 322 -11.28 7.95 -4.79
CA GLN B 322 -10.07 7.29 -5.27
C GLN B 322 -8.88 8.19 -5.58
N ALA B 323 -9.09 9.48 -5.80
CA ALA B 323 -7.96 10.37 -6.09
C ALA B 323 -7.27 10.73 -4.78
N VAL B 324 -8.04 10.70 -3.70
CA VAL B 324 -7.54 10.98 -2.37
C VAL B 324 -6.89 9.69 -1.90
N MET B 325 -7.58 8.58 -2.10
CA MET B 325 -7.03 7.30 -1.70
C MET B 325 -5.79 6.90 -2.51
N ASP B 326 -5.33 7.81 -3.38
CA ASP B 326 -4.16 7.54 -4.22
C ASP B 326 -2.98 8.38 -3.78
N PHE B 327 -3.30 9.60 -3.41
CA PHE B 327 -2.32 10.55 -2.94
C PHE B 327 -1.96 10.20 -1.51
N ILE B 328 -2.90 9.58 -0.79
CA ILE B 328 -2.68 9.21 0.61
C ILE B 328 -1.83 7.95 0.73
N LYS B 329 -2.07 6.98 -0.16
CA LYS B 329 -1.33 5.73 -0.17
C LYS B 329 0.12 6.03 -0.47
N ASP B 330 1.01 5.40 0.28
CA ASP B 330 2.45 5.61 0.08
C ASP B 330 2.97 6.94 0.67
N LEU B 331 2.10 7.67 1.37
CA LEU B 331 2.49 8.95 1.96
C LEU B 331 3.15 8.75 3.31
N PRO B 332 4.40 9.16 3.46
CA PRO B 332 5.12 9.03 4.73
C PRO B 332 4.30 9.59 5.88
N ILE B 333 3.97 8.74 6.85
CA ILE B 333 3.18 9.10 8.01
C ILE B 333 3.56 10.39 8.75
N ARG B 334 4.85 10.74 8.73
CA ARG B 334 5.35 11.92 9.45
C ARG B 334 5.07 13.24 8.73
N LYS B 335 4.94 13.18 7.41
CA LYS B 335 4.69 14.37 6.61
C LYS B 335 3.31 14.99 6.75
N VAL B 336 2.78 15.00 7.96
CA VAL B 336 1.48 15.62 8.21
C VAL B 336 1.52 16.34 9.56
N SER B 337 0.66 17.35 9.69
CA SER B 337 0.56 18.11 10.92
C SER B 337 0.05 17.15 11.97
N GLY B 338 0.46 17.33 13.22
CA GLY B 338 -0.02 16.44 14.27
C GLY B 338 0.81 15.20 14.47
N ILE B 339 1.61 14.85 13.47
CA ILE B 339 2.49 13.70 13.54
C ILE B 339 3.94 14.15 13.37
N GLY B 340 4.69 14.04 14.48
CA GLY B 340 6.08 14.47 14.48
C GLY B 340 7.09 13.48 15.05
N LYS B 341 8.30 13.99 15.32
CA LYS B 341 9.42 13.21 15.84
C LYS B 341 9.11 11.96 16.67
N VAL B 342 8.43 12.12 17.79
CA VAL B 342 8.12 10.94 18.62
C VAL B 342 7.03 10.00 18.07
N THR B 343 5.89 10.53 17.63
CA THR B 343 4.85 9.66 17.09
C THR B 343 5.48 8.70 16.06
N GLU B 344 6.21 9.28 15.10
CA GLU B 344 6.87 8.51 14.07
C GLU B 344 7.70 7.39 14.70
N LYS B 345 8.83 7.75 15.30
CA LYS B 345 9.67 6.74 15.92
C LYS B 345 8.87 5.75 16.75
N MET B 346 7.77 6.20 17.34
CA MET B 346 6.96 5.30 18.14
C MET B 346 6.21 4.30 17.26
N LEU B 347 5.76 4.76 16.10
CA LEU B 347 5.02 3.89 15.19
C LEU B 347 5.91 2.99 14.32
N LYS B 348 7.12 3.46 14.01
CA LYS B 348 8.06 2.70 13.21
C LYS B 348 8.22 1.35 13.83
N ALA B 349 8.21 1.34 15.17
CA ALA B 349 8.35 0.11 15.92
C ALA B 349 7.26 -0.86 15.59
N LEU B 350 6.07 -0.35 15.28
CA LEU B 350 4.96 -1.21 14.94
C LEU B 350 4.99 -1.60 13.46
N GLY B 351 6.04 -1.10 12.78
CA GLY B 351 6.23 -1.36 11.35
C GLY B 351 5.42 -0.43 10.46
N ILE B 352 4.91 0.65 11.06
CA ILE B 352 4.09 1.62 10.34
C ILE B 352 4.89 2.84 9.91
N ILE B 353 5.07 2.97 8.59
CA ILE B 353 5.79 4.10 7.99
C ILE B 353 4.94 4.92 7.04
N THR B 354 4.16 4.24 6.20
CA THR B 354 3.26 4.90 5.23
C THR B 354 1.82 4.79 5.71
N CYS B 355 0.95 5.66 5.23
CA CYS B 355 -0.45 5.65 5.64
C CYS B 355 -1.16 4.35 5.34
N THR B 356 -0.99 3.82 4.13
CA THR B 356 -1.66 2.58 3.76
C THR B 356 -1.36 1.49 4.78
N GLU B 357 -0.21 1.58 5.43
CA GLU B 357 0.17 0.62 6.46
C GLU B 357 -0.61 0.96 7.73
N LEU B 358 -0.64 2.25 8.05
CA LEU B 358 -1.34 2.76 9.21
C LEU B 358 -2.84 2.47 9.14
N TYR B 359 -3.33 2.04 7.99
CA TYR B 359 -4.74 1.74 7.85
C TYR B 359 -4.99 0.31 8.21
N GLN B 360 -4.24 -0.59 7.61
CA GLN B 360 -4.40 -2.01 7.87
C GLN B 360 -3.99 -2.35 9.30
N GLN B 361 -3.40 -1.39 10.00
CA GLN B 361 -2.98 -1.61 11.38
C GLN B 361 -3.97 -0.91 12.30
N ARG B 362 -5.20 -0.74 11.83
CA ARG B 362 -6.20 -0.07 12.64
C ARG B 362 -6.53 -0.82 13.90
N ALA B 363 -6.87 -2.10 13.75
CA ALA B 363 -7.23 -2.93 14.89
C ALA B 363 -6.31 -2.65 16.05
N LEU B 364 -5.09 -3.18 15.98
CA LEU B 364 -4.13 -3.01 17.06
C LEU B 364 -4.09 -1.59 17.65
N LEU B 365 -3.88 -0.59 16.80
CA LEU B 365 -3.79 0.81 17.25
C LEU B 365 -4.89 1.22 18.23
N SER B 366 -6.11 0.75 17.98
CA SER B 366 -7.26 1.07 18.83
C SER B 366 -7.16 0.46 20.21
N LEU B 367 -6.17 -0.41 20.40
CA LEU B 367 -5.98 -1.06 21.69
C LEU B 367 -4.66 -0.69 22.32
N LEU B 368 -3.91 0.18 21.65
CA LEU B 368 -2.61 0.62 22.17
C LEU B 368 -2.57 2.13 22.44
N PHE B 369 -3.52 2.85 21.87
CA PHE B 369 -3.56 4.30 22.05
C PHE B 369 -4.89 4.86 22.49
N SER B 370 -4.79 5.98 23.20
CA SER B 370 -5.94 6.73 23.72
C SER B 370 -7.06 6.78 22.69
N GLU B 371 -8.29 7.05 23.15
CA GLU B 371 -9.41 7.14 22.23
C GLU B 371 -9.18 8.20 21.16
N THR B 372 -8.65 9.35 21.59
CA THR B 372 -8.40 10.47 20.68
C THR B 372 -7.20 10.19 19.78
N SER B 373 -6.30 9.35 20.24
CA SER B 373 -5.13 9.04 19.46
C SER B 373 -5.50 8.25 18.20
N TRP B 374 -6.14 7.09 18.38
CA TRP B 374 -6.48 6.29 17.22
C TRP B 374 -7.63 6.83 16.42
N HIS B 375 -8.46 7.65 17.04
CA HIS B 375 -9.56 8.23 16.30
C HIS B 375 -8.93 9.17 15.27
N TYR B 376 -7.76 9.68 15.63
CA TYR B 376 -7.01 10.60 14.79
C TYR B 376 -6.27 9.77 13.73
N PHE B 377 -5.66 8.68 14.18
CA PHE B 377 -4.94 7.79 13.30
C PHE B 377 -5.79 7.26 12.16
N LEU B 378 -6.92 6.67 12.50
CA LEU B 378 -7.81 6.13 11.49
C LEU B 378 -8.31 7.25 10.58
N HIS B 379 -8.31 8.47 11.10
CA HIS B 379 -8.77 9.61 10.32
C HIS B 379 -7.80 9.93 9.19
N ILE B 380 -6.53 10.05 9.55
CA ILE B 380 -5.46 10.33 8.60
C ILE B 380 -5.35 9.23 7.56
N SER B 381 -5.47 7.99 8.02
CA SER B 381 -5.36 6.86 7.12
C SER B 381 -6.43 6.84 6.05
N LEU B 382 -7.49 7.61 6.25
CA LEU B 382 -8.57 7.63 5.26
C LEU B 382 -8.64 8.91 4.46
N GLY B 383 -7.71 9.83 4.74
CA GLY B 383 -7.68 11.10 4.03
C GLY B 383 -8.75 12.08 4.48
N LEU B 384 -9.33 11.82 5.64
CA LEU B 384 -10.38 12.68 6.15
C LEU B 384 -9.77 13.88 6.86
N GLY B 385 -10.46 15.02 6.77
CA GLY B 385 -9.97 16.23 7.42
C GLY B 385 -10.97 17.37 7.36
N SER B 386 -10.87 18.29 8.32
CA SER B 386 -11.76 19.44 8.45
C SER B 386 -12.13 20.14 7.16
N THR B 387 -13.44 20.30 6.96
CA THR B 387 -13.96 20.97 5.77
C THR B 387 -15.01 21.96 6.22
N HIS B 388 -14.66 22.77 7.21
CA HIS B 388 -15.56 23.78 7.75
C HIS B 388 -14.80 24.84 8.58
N LEU B 389 -13.86 25.53 7.94
CA LEU B 389 -13.07 26.56 8.60
C LEU B 389 -13.92 27.39 9.56
N THR B 390 -13.63 27.34 10.86
CA THR B 390 -14.43 28.14 11.80
C THR B 390 -13.77 29.50 12.10
N ARG B 391 -13.73 29.87 13.38
CA ARG B 391 -13.15 31.16 13.80
C ARG B 391 -12.71 31.08 15.26
N ASP B 392 -13.70 30.87 16.14
CA ASP B 392 -13.58 30.77 17.60
C ASP B 392 -12.20 30.81 18.24
N GLY B 393 -11.86 29.79 19.02
CA GLY B 393 -10.58 29.79 19.67
C GLY B 393 -10.51 31.09 20.45
N GLU B 394 -10.96 31.06 21.70
CA GLU B 394 -10.94 32.24 22.54
C GLU B 394 -9.50 32.52 22.91
N ARG B 395 -8.99 31.74 23.85
CA ARG B 395 -7.61 31.87 24.29
C ARG B 395 -7.47 31.07 25.57
N LYS B 396 -7.26 29.78 25.41
CA LYS B 396 -7.10 28.89 26.54
C LYS B 396 -6.06 29.41 27.54
N SER B 397 -5.19 30.30 27.09
CA SER B 397 -4.16 30.87 27.96
C SER B 397 -3.24 31.87 27.29
N MET B 398 -2.50 32.60 28.11
CA MET B 398 -1.54 33.58 27.65
C MET B 398 -0.39 33.43 28.64
N SER B 399 0.83 33.51 28.14
CA SER B 399 1.97 33.33 29.01
C SER B 399 3.16 34.21 28.64
N VAL B 400 4.20 34.14 29.47
CA VAL B 400 5.44 34.88 29.26
C VAL B 400 6.55 34.20 30.02
N GLU B 401 7.63 33.90 29.29
CA GLU B 401 8.80 33.20 29.84
C GLU B 401 10.06 33.77 29.16
N ARG B 402 11.19 33.74 29.86
CA ARG B 402 12.44 34.23 29.30
C ARG B 402 13.62 33.37 29.74
N THR B 403 14.53 33.07 28.80
CA THR B 403 15.70 32.25 29.11
C THR B 403 16.92 33.13 29.28
N PHE B 404 17.86 32.68 30.11
CA PHE B 404 19.00 33.53 30.41
C PHE B 404 20.19 32.80 31.01
N SER B 405 21.23 33.57 31.34
CA SER B 405 22.44 33.03 31.95
C SER B 405 22.15 32.69 33.41
N GLU B 406 23.00 31.89 34.04
CA GLU B 406 22.78 31.46 35.42
C GLU B 406 22.08 32.46 36.34
N ILE B 407 21.43 31.95 37.39
CA ILE B 407 20.72 32.74 38.41
C ILE B 407 20.53 31.81 39.61
N ASN B 408 20.83 32.28 40.82
CA ASN B 408 20.73 31.42 42.00
C ASN B 408 20.32 32.11 43.31
N LYS B 409 20.34 33.45 43.30
CA LYS B 409 20.03 34.30 44.46
C LYS B 409 18.53 34.57 44.71
N ALA B 410 18.06 34.16 45.89
CA ALA B 410 16.67 34.34 46.29
C ALA B 410 16.05 35.66 45.83
N GLU B 411 16.76 36.75 46.08
CA GLU B 411 16.27 38.08 45.69
C GLU B 411 16.18 38.26 44.18
N GLU B 412 17.31 38.16 43.48
CA GLU B 412 17.30 38.33 42.02
C GLU B 412 16.23 37.46 41.37
N GLN B 413 16.04 36.26 41.91
CA GLN B 413 15.04 35.33 41.39
C GLN B 413 13.62 35.88 41.57
N TYR B 414 13.28 36.27 42.80
CA TYR B 414 11.95 36.84 43.11
C TYR B 414 11.67 38.11 42.33
N SER B 415 12.72 38.77 41.86
CA SER B 415 12.58 40.00 41.10
C SER B 415 12.19 39.65 39.68
N LEU B 416 12.89 38.69 39.08
CA LEU B 416 12.57 38.30 37.72
C LEU B 416 11.21 37.61 37.67
N CYS B 417 10.54 37.57 38.81
CA CYS B 417 9.22 36.96 38.88
C CYS B 417 8.24 38.12 38.75
N GLN B 418 8.25 38.99 39.76
CA GLN B 418 7.40 40.17 39.80
C GLN B 418 7.51 40.91 38.45
N GLU B 419 8.74 41.15 38.00
CA GLU B 419 8.98 41.84 36.73
C GLU B 419 8.25 41.12 35.62
N LEU B 420 8.14 39.80 35.77
CA LEU B 420 7.45 38.98 34.78
C LEU B 420 5.95 39.24 34.85
N CYS B 421 5.32 38.67 35.88
CA CYS B 421 3.87 38.83 36.09
C CYS B 421 3.38 40.20 35.59
N SER B 422 4.12 41.24 35.98
CA SER B 422 3.80 42.60 35.59
C SER B 422 3.61 42.64 34.08
N GLU B 423 4.63 42.21 33.35
CA GLU B 423 4.55 42.19 31.89
C GLU B 423 3.27 41.47 31.47
N LEU B 424 3.05 40.28 32.04
CA LEU B 424 1.87 39.50 31.70
C LEU B 424 0.59 40.30 31.81
N ALA B 425 0.45 40.99 32.95
CA ALA B 425 -0.71 41.83 33.20
C ALA B 425 -0.94 42.81 32.04
N GLN B 426 -0.04 43.78 31.89
CA GLN B 426 -0.15 44.78 30.83
C GLN B 426 -0.70 44.19 29.54
N ASP B 427 -0.08 43.12 29.08
CA ASP B 427 -0.51 42.46 27.84
C ASP B 427 -1.90 41.88 27.97
N LEU B 428 -2.22 41.40 29.16
CA LEU B 428 -3.51 40.81 29.46
C LEU B 428 -4.66 41.83 29.28
N GLN B 429 -4.47 43.02 29.85
CA GLN B 429 -5.48 44.06 29.80
C GLN B 429 -5.62 44.80 28.47
N LYS B 430 -4.89 44.35 27.46
CA LYS B 430 -5.01 44.96 26.14
C LYS B 430 -5.99 44.08 25.38
N GLU B 431 -6.85 43.44 26.18
CA GLU B 431 -7.92 42.57 25.74
C GLU B 431 -8.49 42.04 27.04
N ARG B 432 -8.69 42.98 27.97
CA ARG B 432 -9.21 42.76 29.31
C ARG B 432 -9.75 41.37 29.66
N LEU B 433 -8.82 40.43 29.79
CA LEU B 433 -9.13 39.07 30.13
C LEU B 433 -8.76 38.88 31.60
N LYS B 434 -9.44 37.98 32.28
CA LYS B 434 -9.16 37.73 33.68
C LYS B 434 -9.37 36.24 33.93
N GLY B 435 -8.31 35.54 34.33
CA GLY B 435 -8.38 34.11 34.55
C GLY B 435 -8.45 33.65 35.99
N ARG B 436 -8.48 32.34 36.21
CA ARG B 436 -8.56 31.79 37.55
C ARG B 436 -7.51 30.72 37.92
N THR B 437 -6.48 30.57 37.08
CA THR B 437 -5.40 29.61 37.34
C THR B 437 -4.04 30.11 36.82
N VAL B 438 -3.07 30.19 37.73
CA VAL B 438 -1.73 30.66 37.43
C VAL B 438 -0.69 29.55 37.59
N THR B 439 0.24 29.47 36.63
CA THR B 439 1.31 28.46 36.62
C THR B 439 2.69 29.08 36.48
N ILE B 440 3.74 28.32 36.80
CA ILE B 440 5.09 28.83 36.69
C ILE B 440 5.97 27.82 35.93
N LYS B 441 7.15 28.27 35.51
CA LYS B 441 8.02 27.38 34.78
C LYS B 441 9.46 27.57 35.23
N LEU B 442 10.07 26.50 35.69
CA LEU B 442 11.44 26.57 36.18
C LEU B 442 12.36 25.55 35.51
N LYS B 443 13.17 26.00 34.57
CA LYS B 443 14.09 25.11 33.87
C LYS B 443 15.50 25.18 34.47
N ASN B 444 16.00 24.03 34.95
CA ASN B 444 17.34 23.94 35.55
C ASN B 444 18.43 24.34 34.55
N VAL B 445 19.69 24.08 34.91
CA VAL B 445 20.81 24.39 34.02
C VAL B 445 21.18 23.13 33.25
N ASN B 446 20.34 22.12 33.40
CA ASN B 446 20.50 20.84 32.73
C ASN B 446 19.21 20.66 31.89
N PHE B 447 18.34 21.65 32.02
CA PHE B 447 17.05 21.74 31.32
C PHE B 447 15.92 20.94 31.96
N GLU B 448 16.12 20.53 33.21
CA GLU B 448 15.10 19.77 33.93
C GLU B 448 13.90 20.65 34.22
N VAL B 449 12.99 20.73 33.26
CA VAL B 449 11.81 21.56 33.41
C VAL B 449 10.87 21.04 34.49
N LYS B 450 10.11 21.96 35.07
CA LYS B 450 9.13 21.66 36.08
C LYS B 450 8.04 22.73 35.95
N THR B 451 6.86 22.40 36.44
CA THR B 451 5.74 23.33 36.36
C THR B 451 4.81 23.15 37.54
N ARG B 452 4.75 24.16 38.40
CA ARG B 452 3.87 24.11 39.55
C ARG B 452 2.78 25.13 39.30
N ALA B 453 1.61 24.87 39.84
CA ALA B 453 0.52 25.80 39.65
C ALA B 453 -0.41 25.82 40.84
N SER B 454 -1.34 26.78 40.79
CA SER B 454 -2.35 26.94 41.82
C SER B 454 -3.57 27.50 41.09
N THR B 455 -4.74 27.15 41.60
CA THR B 455 -5.99 27.61 41.03
C THR B 455 -6.85 28.17 42.17
N VAL B 456 -7.42 29.35 41.97
CA VAL B 456 -8.26 29.97 43.00
C VAL B 456 -9.47 30.67 42.40
N SER B 457 -10.57 30.64 43.17
CA SER B 457 -11.84 31.23 42.78
C SER B 457 -11.84 32.76 42.88
N SER B 458 -10.97 33.40 42.10
CA SER B 458 -10.85 34.84 42.14
C SER B 458 -11.14 35.51 40.82
N VAL B 459 -10.44 35.07 39.78
CA VAL B 459 -10.58 35.64 38.45
C VAL B 459 -9.52 36.73 38.30
N VAL B 460 -8.42 36.59 39.05
CA VAL B 460 -7.30 37.54 39.05
C VAL B 460 -6.95 38.12 37.67
N SER B 461 -6.38 39.32 37.66
CA SER B 461 -6.04 39.98 36.39
C SER B 461 -5.03 41.13 36.43
N THR B 462 -4.42 41.42 37.57
CA THR B 462 -3.48 42.56 37.60
C THR B 462 -2.04 42.29 37.95
N ALA B 463 -1.20 43.30 37.75
CA ALA B 463 0.24 43.24 38.01
C ALA B 463 0.59 42.45 39.26
N GLU B 464 0.71 43.11 40.41
CA GLU B 464 1.04 42.38 41.63
C GLU B 464 -0.03 41.34 41.96
N GLU B 465 -1.23 41.54 41.40
CA GLU B 465 -2.33 40.61 41.61
C GLU B 465 -1.76 39.21 41.44
N ILE B 466 -1.17 39.00 40.27
CA ILE B 466 -0.56 37.74 39.87
C ILE B 466 0.64 37.37 40.75
N PHE B 467 1.50 38.35 41.00
CA PHE B 467 2.68 38.13 41.81
C PHE B 467 2.28 37.51 43.14
N ALA B 468 0.99 37.53 43.45
CA ALA B 468 0.48 36.95 44.68
C ALA B 468 0.76 35.45 44.65
N ILE B 469 -0.24 34.68 44.23
CA ILE B 469 -0.11 33.22 44.16
C ILE B 469 1.17 32.78 43.46
N ALA B 470 1.58 33.55 42.45
CA ALA B 470 2.80 33.23 41.74
C ALA B 470 4.00 33.36 42.67
N LYS B 471 3.95 34.32 43.57
CA LYS B 471 5.02 34.58 44.52
C LYS B 471 5.32 33.34 45.36
N GLU B 472 4.28 32.77 45.96
CA GLU B 472 4.44 31.59 46.79
C GLU B 472 4.74 30.34 46.00
N LEU B 473 4.12 30.18 44.84
CA LEU B 473 4.39 28.99 44.04
C LEU B 473 5.90 28.83 43.89
N LEU B 474 6.58 29.94 43.65
CA LEU B 474 8.04 29.95 43.49
C LEU B 474 8.75 29.71 44.82
N LYS B 475 8.07 30.04 45.91
CA LYS B 475 8.58 29.85 47.27
C LYS B 475 8.51 28.38 47.64
N THR B 476 7.37 27.74 47.33
CA THR B 476 7.17 26.32 47.62
C THR B 476 8.37 25.50 47.14
N GLU B 477 8.90 25.86 45.98
CA GLU B 477 10.04 25.16 45.39
C GLU B 477 11.34 25.33 46.16
N ILE B 478 11.92 26.52 46.07
CA ILE B 478 13.18 26.81 46.76
C ILE B 478 13.15 26.19 48.16
N ASP B 479 11.97 26.21 48.77
CA ASP B 479 11.76 25.68 50.12
C ASP B 479 11.60 24.16 50.25
N ALA B 480 10.41 23.66 49.94
CA ALA B 480 10.04 22.23 50.04
C ALA B 480 11.17 21.23 49.78
N ASP B 481 12.32 21.74 49.33
CA ASP B 481 13.51 20.94 49.06
C ASP B 481 14.62 21.91 48.66
N PHE B 482 15.86 21.44 48.81
CA PHE B 482 17.06 22.17 48.43
C PHE B 482 17.65 23.32 49.26
N PRO B 483 18.26 23.03 50.44
CA PRO B 483 18.82 24.19 51.14
C PRO B 483 20.10 24.51 50.36
N HIS B 484 20.14 23.99 49.13
CA HIS B 484 21.23 24.18 48.17
C HIS B 484 20.54 25.10 47.16
N PRO B 485 21.23 26.10 46.64
CA PRO B 485 20.53 26.96 45.68
C PRO B 485 19.99 26.15 44.51
N LEU B 486 18.99 26.69 43.83
CA LEU B 486 18.43 26.05 42.65
C LEU B 486 19.05 26.84 41.51
N ARG B 487 19.81 26.17 40.64
CA ARG B 487 20.46 26.83 39.52
C ARG B 487 19.53 26.92 38.30
N LEU B 488 18.92 28.09 38.09
CA LEU B 488 17.99 28.31 36.98
C LEU B 488 18.61 28.92 35.72
N ARG B 489 17.89 28.82 34.61
CA ARG B 489 18.33 29.38 33.32
C ARG B 489 17.09 29.82 32.54
N LEU B 490 15.92 29.45 33.07
CA LEU B 490 14.65 29.80 32.45
C LEU B 490 13.53 29.90 33.48
N MET B 491 12.61 30.82 33.22
CA MET B 491 11.48 31.04 34.11
C MET B 491 10.37 31.74 33.31
N GLY B 492 9.12 31.41 33.64
CA GLY B 492 8.01 32.02 32.95
C GLY B 492 6.71 31.73 33.66
N VAL B 493 5.73 32.59 33.46
CA VAL B 493 4.43 32.38 34.08
C VAL B 493 3.34 32.40 33.02
N ARG B 494 2.33 31.56 33.23
CA ARG B 494 1.22 31.44 32.32
C ARG B 494 -0.09 31.41 33.05
N ILE B 495 -0.94 32.39 32.74
CA ILE B 495 -2.25 32.49 33.35
C ILE B 495 -3.28 31.84 32.42
N SER B 496 -4.08 30.94 32.96
CA SER B 496 -5.09 30.23 32.17
C SER B 496 -6.41 30.05 32.91
N SER B 497 -7.36 29.40 32.25
CA SER B 497 -8.68 29.15 32.82
C SER B 497 -9.46 30.46 32.98
N PHE B 498 -10.05 30.92 31.88
CA PHE B 498 -10.80 32.15 31.89
C PHE B 498 -12.30 31.80 31.95
N PRO B 499 -13.16 32.81 32.25
CA PRO B 499 -14.61 32.59 32.34
C PRO B 499 -15.31 31.88 31.17
N ASN B 500 -16.35 31.12 31.51
CA ASN B 500 -17.17 30.38 30.54
C ASN B 500 -18.50 31.11 30.30
N GLU B 501 -18.46 32.08 29.40
CA GLU B 501 -19.64 32.88 29.05
C GLU B 501 -19.42 33.34 27.60
N GLU B 502 -18.92 32.43 26.77
CA GLU B 502 -18.62 32.73 25.36
C GLU B 502 -19.71 32.37 24.34
N ASP B 503 -19.89 33.18 23.40
#